data_5I6A
# 
_entry.id   5I6A 
# 
_audit_conform.dict_name       mmcif_pdbx.dic 
_audit_conform.dict_version    5.397 
_audit_conform.dict_location   http://mmcif.pdb.org/dictionaries/ascii/mmcif_pdbx.dic 
# 
loop_
_database_2.database_id 
_database_2.database_code 
_database_2.pdbx_database_accession 
_database_2.pdbx_DOI 
PDB   5I6A         pdb_00005i6a 10.2210/pdb5i6a/pdb 
WWPDB D_1000217876 ?            ?                   
# 
loop_
_pdbx_audit_revision_history.ordinal 
_pdbx_audit_revision_history.data_content_type 
_pdbx_audit_revision_history.major_revision 
_pdbx_audit_revision_history.minor_revision 
_pdbx_audit_revision_history.revision_date 
1 'Structure model' 1 0 2016-03-09 
2 'Structure model' 1 1 2019-05-08 
3 'Structure model' 1 2 2024-10-09 
# 
_pdbx_audit_revision_details.ordinal             1 
_pdbx_audit_revision_details.revision_ordinal    1 
_pdbx_audit_revision_details.data_content_type   'Structure model' 
_pdbx_audit_revision_details.provider            repository 
_pdbx_audit_revision_details.type                'Initial release' 
_pdbx_audit_revision_details.description         ? 
_pdbx_audit_revision_details.details             ? 
# 
loop_
_pdbx_audit_revision_group.ordinal 
_pdbx_audit_revision_group.revision_ordinal 
_pdbx_audit_revision_group.data_content_type 
_pdbx_audit_revision_group.group 
1 2 'Structure model' Advisory               
2 2 'Structure model' 'Data collection'      
3 2 'Structure model' 'Derived calculations' 
4 3 'Structure model' 'Data collection'      
5 3 'Structure model' 'Database references'  
6 3 'Structure model' 'Structure summary'    
# 
loop_
_pdbx_audit_revision_category.ordinal 
_pdbx_audit_revision_category.revision_ordinal 
_pdbx_audit_revision_category.data_content_type 
_pdbx_audit_revision_category.category 
1 2 'Structure model' pdbx_unobs_or_zero_occ_atoms 
2 2 'Structure model' pdbx_validate_close_contact  
3 2 'Structure model' struct_conn                  
4 3 'Structure model' chem_comp_atom               
5 3 'Structure model' chem_comp_bond               
6 3 'Structure model' database_2                   
7 3 'Structure model' pdbx_entry_details           
8 3 'Structure model' pdbx_modification_feature    
# 
loop_
_pdbx_audit_revision_item.ordinal 
_pdbx_audit_revision_item.revision_ordinal 
_pdbx_audit_revision_item.data_content_type 
_pdbx_audit_revision_item.item 
1 3 'Structure model' '_database_2.pdbx_DOI'                
2 3 'Structure model' '_database_2.pdbx_database_accession' 
# 
_pdbx_database_status.status_code                     REL 
_pdbx_database_status.status_code_sf                  REL 
_pdbx_database_status.status_code_mr                  ? 
_pdbx_database_status.entry_id                        5I6A 
_pdbx_database_status.recvd_initial_deposition_date   2016-02-16 
_pdbx_database_status.SG_entry                        N 
_pdbx_database_status.deposit_site                    RCSB 
_pdbx_database_status.process_site                    PDBE 
_pdbx_database_status.status_code_cs                  ? 
_pdbx_database_status.methods_development_category    ? 
_pdbx_database_status.pdb_format_compatible           Y 
_pdbx_database_status.status_code_nmr_data            ? 
# 
loop_
_audit_author.name 
_audit_author.pdbx_ordinal 
'Bartoloni, M.'     1 
'Waltersperger, S.' 2 
'Bumann, M.'        3 
'Stocker, A.'       4 
'Darbre, T.'        5 
'Reymond, J.-L.'    6 
# 
loop_
_citation.abstract 
_citation.abstract_id_CAS 
_citation.book_id_ISBN 
_citation.book_publisher 
_citation.book_publisher_city 
_citation.book_title 
_citation.coordinate_linkage 
_citation.country 
_citation.database_id_Medline 
_citation.details 
_citation.id 
_citation.journal_abbrev 
_citation.journal_id_ASTM 
_citation.journal_id_CSD 
_citation.journal_id_ISSN 
_citation.journal_full 
_citation.journal_issue 
_citation.journal_volume 
_citation.language 
_citation.page_first 
_citation.page_last 
_citation.title 
_citation.year 
_citation.database_id_CSD 
_citation.pdbx_database_id_DOI 
_citation.pdbx_database_id_PubMed 
_citation.unpublished_flag 
? ? ? ? ? ? ? CH ? ? primary Arkivoc ? ? 1551-7012 ? ? 2014            ? 113 123 
'Stereoselective synthesis and structure determination of a bicyclo[3.3.2]decapeptide' 2014 ? 10.3998/ark.5550190.p008.500 ? ? 
? ? ? ? ? ? ? CH ? ? 1       ARKIVOC ? ? 1551-7004 ? ? '2014, issue 3' ? 113 123 
;Stereoselective synthesis and structure determination of a
bicyclo[3.3.2]decapeptide
;
2014 ? ?                            ? ? 
# 
loop_
_citation_author.citation_id 
_citation_author.name 
_citation_author.ordinal 
_citation_author.identifier_ORCID 
primary 'Bartoloni, M.'     1  ? 
primary 'Waltersperger, S.' 2  ? 
primary 'Bumann, M.'        3  ? 
primary 'Stocker, A.'       4  ? 
primary 'Darbre, T.'        5  ? 
primary 'Reymond, J.-L.'    6  ? 
1       'Bartoloni, M.'     7  ? 
1       'Waltersperger, S.' 8  ? 
1       'Bumann, M.'        9  ? 
1       'Stocker, A.'       10 ? 
1       'Darbre, T.'        11 ? 
1       'Reymond, J.-L.'    12 ? 
# 
loop_
_entity.id 
_entity.type 
_entity.src_method 
_entity.pdbx_description 
_entity.formula_weight 
_entity.pdbx_number_of_molecules 
_entity.pdbx_ec 
_entity.pdbx_mutation 
_entity.pdbx_fragment 
_entity.details 
1 polymer     syn ALA-PHE-GLY-LYD-VAL-PHE-PRO-GLN-ALA-GLY 1021.169 2  ? ? ? ? 
2 non-polymer syn 'DIMETHYL SULFOXIDE'                    78.133   1  ? ? ? ? 
3 water       nat water                                   18.015   21 ? ? ? ? 
# 
_entity_poly.entity_id                      1 
_entity_poly.type                           'polypeptide(L)' 
_entity_poly.nstd_linkage                   no 
_entity_poly.nstd_monomer                   yes 
_entity_poly.pdbx_seq_one_letter_code       'AFG(DLY)VFPQAG' 
_entity_poly.pdbx_seq_one_letter_code_can   AFGKVFPQAG 
_entity_poly.pdbx_strand_id                 A,B 
_entity_poly.pdbx_target_identifier         ? 
# 
loop_
_pdbx_entity_nonpoly.entity_id 
_pdbx_entity_nonpoly.name 
_pdbx_entity_nonpoly.comp_id 
2 'DIMETHYL SULFOXIDE' DMS 
3 water                HOH 
# 
loop_
_entity_poly_seq.entity_id 
_entity_poly_seq.num 
_entity_poly_seq.mon_id 
_entity_poly_seq.hetero 
1 1  ALA n 
1 2  PHE n 
1 3  GLY n 
1 4  DLY n 
1 5  VAL n 
1 6  PHE n 
1 7  PRO n 
1 8  GLN n 
1 9  ALA n 
1 10 GLY n 
# 
_pdbx_entity_src_syn.entity_id              1 
_pdbx_entity_src_syn.pdbx_src_id            1 
_pdbx_entity_src_syn.pdbx_alt_source_flag   sample 
_pdbx_entity_src_syn.pdbx_beg_seq_num       1 
_pdbx_entity_src_syn.pdbx_end_seq_num       10 
_pdbx_entity_src_syn.organism_scientific    'synthetic construct' 
_pdbx_entity_src_syn.organism_common_name   ? 
_pdbx_entity_src_syn.ncbi_taxonomy_id       32630 
_pdbx_entity_src_syn.details                ? 
# 
loop_
_chem_comp.id 
_chem_comp.type 
_chem_comp.mon_nstd_flag 
_chem_comp.name 
_chem_comp.pdbx_synonyms 
_chem_comp.formula 
_chem_comp.formula_weight 
ALA 'L-peptide linking' y ALANINE              ? 'C3 H7 N O2'   89.093  
DLY 'D-peptide linking' . D-LYSINE             ? 'C6 H14 N2 O2' 146.188 
DMS non-polymer         . 'DIMETHYL SULFOXIDE' ? 'C2 H6 O S'    78.133  
GLN 'L-peptide linking' y GLUTAMINE            ? 'C5 H10 N2 O3' 146.144 
GLY 'peptide linking'   y GLYCINE              ? 'C2 H5 N O2'   75.067  
HOH non-polymer         . WATER                ? 'H2 O'         18.015  
PHE 'L-peptide linking' y PHENYLALANINE        ? 'C9 H11 N O2'  165.189 
PRO 'L-peptide linking' y PROLINE              ? 'C5 H9 N O2'   115.130 
VAL 'L-peptide linking' y VALINE               ? 'C5 H11 N O2'  117.146 
# 
loop_
_pdbx_poly_seq_scheme.asym_id 
_pdbx_poly_seq_scheme.entity_id 
_pdbx_poly_seq_scheme.seq_id 
_pdbx_poly_seq_scheme.mon_id 
_pdbx_poly_seq_scheme.ndb_seq_num 
_pdbx_poly_seq_scheme.pdb_seq_num 
_pdbx_poly_seq_scheme.auth_seq_num 
_pdbx_poly_seq_scheme.pdb_mon_id 
_pdbx_poly_seq_scheme.auth_mon_id 
_pdbx_poly_seq_scheme.pdb_strand_id 
_pdbx_poly_seq_scheme.pdb_ins_code 
_pdbx_poly_seq_scheme.hetero 
A 1 1  ALA 1  1  1  ALA ALA A . n 
A 1 2  PHE 2  2  2  PHE PHE A . n 
A 1 3  GLY 3  3  3  GLY GLY A . n 
A 1 4  DLY 4  4  4  DLY LYD A . n 
A 1 5  VAL 5  5  5  VAL VAL A . n 
A 1 6  PHE 6  6  6  PHE PHE A . n 
A 1 7  PRO 7  7  7  PRO PRO A . n 
A 1 8  GLN 8  8  8  GLN GLN A . n 
A 1 9  ALA 9  9  9  ALA ALA A . n 
A 1 10 GLY 10 10 10 GLY GLY A . n 
B 1 1  ALA 1  1  1  ALA ALA B . n 
B 1 2  PHE 2  2  2  PHE PHE B . n 
B 1 3  GLY 3  3  3  GLY GLY B . n 
B 1 4  DLY 4  4  4  DLY LYD B . n 
B 1 5  VAL 5  5  5  VAL VAL B . n 
B 1 6  PHE 6  6  6  PHE PHE B . n 
B 1 7  PRO 7  7  7  PRO PRO B . n 
B 1 8  GLN 8  8  8  GLN GLN B . n 
B 1 9  ALA 9  9  9  ALA ALA B . n 
B 1 10 GLY 10 10 10 GLY GLY B . n 
# 
loop_
_pdbx_nonpoly_scheme.asym_id 
_pdbx_nonpoly_scheme.entity_id 
_pdbx_nonpoly_scheme.mon_id 
_pdbx_nonpoly_scheme.ndb_seq_num 
_pdbx_nonpoly_scheme.pdb_seq_num 
_pdbx_nonpoly_scheme.auth_seq_num 
_pdbx_nonpoly_scheme.pdb_mon_id 
_pdbx_nonpoly_scheme.auth_mon_id 
_pdbx_nonpoly_scheme.pdb_strand_id 
_pdbx_nonpoly_scheme.pdb_ins_code 
C 2 DMS 1  101 1  DMS DMS B . 
D 3 HOH 1  101 9  HOH HOH A . 
D 3 HOH 2  102 17 HOH HOH A . 
D 3 HOH 3  103 1  HOH HOH A . 
D 3 HOH 4  104 12 HOH HOH A . 
D 3 HOH 5  105 5  HOH HOH A . 
D 3 HOH 6  106 2  HOH HOH A . 
D 3 HOH 7  107 10 HOH HOH A . 
D 3 HOH 8  108 7  HOH HOH A . 
D 3 HOH 9  109 18 HOH HOH A . 
D 3 HOH 10 110 14 HOH HOH A . 
D 3 HOH 11 111 4  HOH HOH A . 
D 3 HOH 12 112 16 HOH HOH A . 
E 3 HOH 1  201 22 HOH HOH B . 
E 3 HOH 2  202 11 HOH HOH B . 
E 3 HOH 3  203 13 HOH HOH B . 
E 3 HOH 4  204 21 HOH HOH B . 
E 3 HOH 5  205 20 HOH HOH B . 
E 3 HOH 6  206 6  HOH HOH B . 
E 3 HOH 7  207 8  HOH HOH B . 
E 3 HOH 8  208 19 HOH HOH B . 
E 3 HOH 9  209 3  HOH HOH B . 
# 
loop_
_pdbx_unobs_or_zero_occ_atoms.id 
_pdbx_unobs_or_zero_occ_atoms.PDB_model_num 
_pdbx_unobs_or_zero_occ_atoms.polymer_flag 
_pdbx_unobs_or_zero_occ_atoms.occupancy_flag 
_pdbx_unobs_or_zero_occ_atoms.auth_asym_id 
_pdbx_unobs_or_zero_occ_atoms.auth_comp_id 
_pdbx_unobs_or_zero_occ_atoms.auth_seq_id 
_pdbx_unobs_or_zero_occ_atoms.PDB_ins_code 
_pdbx_unobs_or_zero_occ_atoms.auth_atom_id 
_pdbx_unobs_or_zero_occ_atoms.label_alt_id 
_pdbx_unobs_or_zero_occ_atoms.label_asym_id 
_pdbx_unobs_or_zero_occ_atoms.label_comp_id 
_pdbx_unobs_or_zero_occ_atoms.label_seq_id 
_pdbx_unobs_or_zero_occ_atoms.label_atom_id 
1 1 Y 1 A GLN 8 ? NE2 ? A GLN 8 NE2 
2 1 Y 1 B GLN 8 ? NE2 ? B GLN 8 NE2 
# 
loop_
_software.citation_id 
_software.classification 
_software.compiler_name 
_software.compiler_version 
_software.contact_author 
_software.contact_author_email 
_software.date 
_software.description 
_software.dependencies 
_software.hardware 
_software.language 
_software.location 
_software.mods 
_software.name 
_software.os 
_software.os_version 
_software.type 
_software.version 
_software.pdbx_ordinal 
? refinement       ? ? ? ? ? ? ? ? ? ? ? PHENIX ? ? ? 1.8.4_1496 1 
? 'data reduction' ? ? ? ? ? ? ? ? ? ? ? XDS    ? ? ? .          2 
? 'data scaling'   ? ? ? ? ? ? ? ? ? ? ? XSCALE ? ? ? .          3 
? phasing          ? ? ? ? ? ? ? ? ? ? ? SHELXD ? ? ? .          4 
# 
_cell.angle_alpha                  90.00 
_cell.angle_alpha_esd              ? 
_cell.angle_beta                   90.00 
_cell.angle_beta_esd               ? 
_cell.angle_gamma                  90.00 
_cell.angle_gamma_esd              ? 
_cell.entry_id                     5I6A 
_cell.details                      ? 
_cell.formula_units_Z              ? 
_cell.length_a                     12.826 
_cell.length_a_esd                 ? 
_cell.length_b                     23.446 
_cell.length_b_esd                 ? 
_cell.length_c                     41.899 
_cell.length_c_esd                 ? 
_cell.volume                       ? 
_cell.volume_esd                   ? 
_cell.Z_PDB                        8 
_cell.reciprocal_angle_alpha       ? 
_cell.reciprocal_angle_beta        ? 
_cell.reciprocal_angle_gamma       ? 
_cell.reciprocal_angle_alpha_esd   ? 
_cell.reciprocal_angle_beta_esd    ? 
_cell.reciprocal_angle_gamma_esd   ? 
_cell.reciprocal_length_a          ? 
_cell.reciprocal_length_b          ? 
_cell.reciprocal_length_c          ? 
_cell.reciprocal_length_a_esd      ? 
_cell.reciprocal_length_b_esd      ? 
_cell.reciprocal_length_c_esd      ? 
_cell.pdbx_unique_axis             ? 
# 
_symmetry.entry_id                         5I6A 
_symmetry.cell_setting                     ? 
_symmetry.Int_Tables_number                19 
_symmetry.space_group_name_Hall            ? 
_symmetry.space_group_name_H-M             'P 21 21 21' 
_symmetry.pdbx_full_space_group_name_H-M   ? 
# 
_exptl.absorpt_coefficient_mu     ? 
_exptl.absorpt_correction_T_max   ? 
_exptl.absorpt_correction_T_min   ? 
_exptl.absorpt_correction_type    ? 
_exptl.absorpt_process_details    ? 
_exptl.entry_id                   5I6A 
_exptl.crystals_number            1 
_exptl.details                    ? 
_exptl.method                     'X-RAY DIFFRACTION' 
_exptl.method_details             ? 
# 
_exptl_crystal.colour                      ? 
_exptl_crystal.density_diffrn              ? 
_exptl_crystal.density_Matthews            1.54 
_exptl_crystal.density_method              ? 
_exptl_crystal.density_percent_sol         20.25 
_exptl_crystal.description                 'rod-shaped crystals' 
_exptl_crystal.F_000                       ? 
_exptl_crystal.id                          1 
_exptl_crystal.preparation                 ? 
_exptl_crystal.size_max                    ? 
_exptl_crystal.size_mid                    ? 
_exptl_crystal.size_min                    ? 
_exptl_crystal.size_rad                    ? 
_exptl_crystal.colour_lustre               ? 
_exptl_crystal.colour_modifier             ? 
_exptl_crystal.colour_primary              ? 
_exptl_crystal.density_meas                ? 
_exptl_crystal.density_meas_esd            ? 
_exptl_crystal.density_meas_gt             ? 
_exptl_crystal.density_meas_lt             ? 
_exptl_crystal.density_meas_temp           ? 
_exptl_crystal.density_meas_temp_esd       ? 
_exptl_crystal.density_meas_temp_gt        ? 
_exptl_crystal.density_meas_temp_lt        ? 
_exptl_crystal.pdbx_crystal_image_url      ? 
_exptl_crystal.pdbx_crystal_image_format   ? 
_exptl_crystal.pdbx_mosaicity              ? 
_exptl_crystal.pdbx_mosaicity_esd          ? 
# 
_exptl_crystal_grow.apparatus       ? 
_exptl_crystal_grow.atmosphere      ? 
_exptl_crystal_grow.crystal_id      1 
_exptl_crystal_grow.details         ? 
_exptl_crystal_grow.method          'VAPOR DIFFUSION, SITTING DROP' 
_exptl_crystal_grow.method_ref      ? 
_exptl_crystal_grow.pH              4.6 
_exptl_crystal_grow.pressure        ? 
_exptl_crystal_grow.pressure_esd    ? 
_exptl_crystal_grow.seeding         ? 
_exptl_crystal_grow.seeding_ref     ? 
_exptl_crystal_grow.temp            291 
_exptl_crystal_grow.temp_details    ? 
_exptl_crystal_grow.temp_esd        ? 
_exptl_crystal_grow.time            ? 
_exptl_crystal_grow.pdbx_details    'sodium acetate trihydrate, 2.0 M ammonium sulphate' 
_exptl_crystal_grow.pdbx_pH_range   ? 
# 
_diffrn.ambient_environment    ? 
_diffrn.ambient_temp           100 
_diffrn.ambient_temp_details   ? 
_diffrn.ambient_temp_esd       ? 
_diffrn.crystal_id             1 
_diffrn.crystal_support        ? 
_diffrn.crystal_treatment      ? 
_diffrn.details                ? 
_diffrn.id                     1 
_diffrn.ambient_pressure       ? 
_diffrn.ambient_pressure_esd   ? 
_diffrn.ambient_pressure_gt    ? 
_diffrn.ambient_pressure_lt    ? 
_diffrn.ambient_temp_gt        ? 
_diffrn.ambient_temp_lt        ? 
# 
_diffrn_detector.details                      ? 
_diffrn_detector.detector                     PIXEL 
_diffrn_detector.diffrn_id                    1 
_diffrn_detector.type                         'DECTRIS PILATUS 6M' 
_diffrn_detector.area_resol_mean              ? 
_diffrn_detector.dtime                        ? 
_diffrn_detector.pdbx_frames_total            ? 
_diffrn_detector.pdbx_collection_time_total   ? 
_diffrn_detector.pdbx_collection_date         2013-10-26 
# 
_diffrn_radiation.collimation                      ? 
_diffrn_radiation.diffrn_id                        1 
_diffrn_radiation.filter_edge                      ? 
_diffrn_radiation.inhomogeneity                    ? 
_diffrn_radiation.monochromator                    ? 
_diffrn_radiation.polarisn_norm                    ? 
_diffrn_radiation.polarisn_ratio                   ? 
_diffrn_radiation.probe                            ? 
_diffrn_radiation.type                             ? 
_diffrn_radiation.xray_symbol                      ? 
_diffrn_radiation.wavelength_id                    1 
_diffrn_radiation.pdbx_monochromatic_or_laue_m_l   M 
_diffrn_radiation.pdbx_wavelength_list             ? 
_diffrn_radiation.pdbx_wavelength                  ? 
_diffrn_radiation.pdbx_diffrn_protocol             'SINGLE WAVELENGTH' 
_diffrn_radiation.pdbx_analyzer                    ? 
_diffrn_radiation.pdbx_scattering_type             x-ray 
# 
_diffrn_radiation_wavelength.id           1 
_diffrn_radiation_wavelength.wavelength   0.73 
_diffrn_radiation_wavelength.wt           1.0 
# 
_diffrn_source.current                     ? 
_diffrn_source.details                     ? 
_diffrn_source.diffrn_id                   1 
_diffrn_source.power                       ? 
_diffrn_source.size                        ? 
_diffrn_source.source                      SYNCHROTRON 
_diffrn_source.target                      ? 
_diffrn_source.type                        'SLS BEAMLINE X06SA' 
_diffrn_source.voltage                     ? 
_diffrn_source.take-off_angle              ? 
_diffrn_source.pdbx_wavelength_list        0.73 
_diffrn_source.pdbx_wavelength             ? 
_diffrn_source.pdbx_synchrotron_beamline   X06SA 
_diffrn_source.pdbx_synchrotron_site       SLS 
# 
_reflns.B_iso_Wilson_estimate            ? 
_reflns.entry_id                         5I6A 
_reflns.data_reduction_details           ? 
_reflns.data_reduction_method            ? 
_reflns.d_resolution_high                0.81 
_reflns.d_resolution_low                 20.5 
_reflns.details                          ? 
_reflns.limit_h_max                      ? 
_reflns.limit_h_min                      ? 
_reflns.limit_k_max                      ? 
_reflns.limit_k_min                      ? 
_reflns.limit_l_max                      ? 
_reflns.limit_l_min                      ? 
_reflns.number_all                       ? 
_reflns.number_obs                       12759 
_reflns.observed_criterion               ? 
_reflns.observed_criterion_F_max         ? 
_reflns.observed_criterion_F_min         ? 
_reflns.observed_criterion_I_max         ? 
_reflns.observed_criterion_I_min         ? 
_reflns.observed_criterion_sigma_F       ? 
_reflns.observed_criterion_sigma_I       ? 
_reflns.percent_possible_obs             95.4 
_reflns.R_free_details                   ? 
_reflns.Rmerge_F_all                     ? 
_reflns.Rmerge_F_obs                     ? 
_reflns.Friedel_coverage                 ? 
_reflns.number_gt                        ? 
_reflns.threshold_expression             ? 
_reflns.pdbx_redundancy                  10.6 
_reflns.pdbx_Rmerge_I_obs                0.07 
_reflns.pdbx_Rmerge_I_all                ? 
_reflns.pdbx_Rsym_value                  ? 
_reflns.pdbx_netI_over_av_sigmaI         ? 
_reflns.pdbx_netI_over_sigmaI            21.1 
_reflns.pdbx_res_netI_over_av_sigmaI_2   ? 
_reflns.pdbx_res_netI_over_sigmaI_2      ? 
_reflns.pdbx_chi_squared                 ? 
_reflns.pdbx_scaling_rejects             ? 
_reflns.pdbx_d_res_high_opt              ? 
_reflns.pdbx_d_res_low_opt               ? 
_reflns.pdbx_d_res_opt_method            ? 
_reflns.phase_calculation_details        ? 
_reflns.pdbx_Rrim_I_all                  ? 
_reflns.pdbx_Rpim_I_all                  ? 
_reflns.pdbx_d_opt                       ? 
_reflns.pdbx_number_measured_all         ? 
_reflns.pdbx_diffrn_id                   1 
_reflns.pdbx_ordinal                     1 
_reflns.pdbx_CC_half                     0.999 
_reflns.pdbx_R_split                     ? 
# 
_reflns_shell.d_res_high                  0.81 
_reflns_shell.d_res_low                   0.83 
_reflns_shell.meanI_over_sigI_all         ? 
_reflns_shell.meanI_over_sigI_obs         4.3 
_reflns_shell.number_measured_all         ? 
_reflns_shell.number_measured_obs         ? 
_reflns_shell.number_possible             ? 
_reflns_shell.number_unique_all           ? 
_reflns_shell.number_unique_obs           ? 
_reflns_shell.percent_possible_all        64.7 
_reflns_shell.percent_possible_obs        ? 
_reflns_shell.Rmerge_F_all                ? 
_reflns_shell.Rmerge_F_obs                ? 
_reflns_shell.Rmerge_I_all                ? 
_reflns_shell.Rmerge_I_obs                0.26 
_reflns_shell.meanI_over_sigI_gt          ? 
_reflns_shell.meanI_over_uI_all           ? 
_reflns_shell.meanI_over_uI_gt            ? 
_reflns_shell.number_measured_gt          ? 
_reflns_shell.number_unique_gt            ? 
_reflns_shell.percent_possible_gt         ? 
_reflns_shell.Rmerge_F_gt                 ? 
_reflns_shell.Rmerge_I_gt                 ? 
_reflns_shell.pdbx_redundancy             ? 
_reflns_shell.pdbx_Rsym_value             ? 
_reflns_shell.pdbx_chi_squared            ? 
_reflns_shell.pdbx_netI_over_sigmaI_all   ? 
_reflns_shell.pdbx_netI_over_sigmaI_obs   ? 
_reflns_shell.pdbx_Rrim_I_all             ? 
_reflns_shell.pdbx_Rpim_I_all             ? 
_reflns_shell.pdbx_rejects                ? 
_reflns_shell.pdbx_ordinal                1 
_reflns_shell.pdbx_diffrn_id              1 
_reflns_shell.pdbx_CC_half                ? 
_reflns_shell.pdbx_R_split                ? 
# 
_refine.aniso_B[1][1]                            ? 
_refine.aniso_B[1][2]                            ? 
_refine.aniso_B[1][3]                            ? 
_refine.aniso_B[2][2]                            ? 
_refine.aniso_B[2][3]                            ? 
_refine.aniso_B[3][3]                            ? 
_refine.B_iso_max                                ? 
_refine.B_iso_mean                               ? 
_refine.B_iso_min                                ? 
_refine.correlation_coeff_Fo_to_Fc               ? 
_refine.correlation_coeff_Fo_to_Fc_free          ? 
_refine.details                                  ? 
_refine.diff_density_max                         ? 
_refine.diff_density_max_esd                     ? 
_refine.diff_density_min                         ? 
_refine.diff_density_min_esd                     ? 
_refine.diff_density_rms                         ? 
_refine.diff_density_rms_esd                     ? 
_refine.entry_id                                 5I6A 
_refine.pdbx_refine_id                           'X-RAY DIFFRACTION' 
_refine.ls_abs_structure_details                 ? 
_refine.ls_abs_structure_Flack                   ? 
_refine.ls_abs_structure_Flack_esd               ? 
_refine.ls_abs_structure_Rogers                  ? 
_refine.ls_abs_structure_Rogers_esd              ? 
_refine.ls_d_res_high                            0.813 
_refine.ls_d_res_low                             20.460 
_refine.ls_extinction_coef                       ? 
_refine.ls_extinction_coef_esd                   ? 
_refine.ls_extinction_expression                 ? 
_refine.ls_extinction_method                     ? 
_refine.ls_goodness_of_fit_all                   ? 
_refine.ls_goodness_of_fit_all_esd               ? 
_refine.ls_goodness_of_fit_obs                   ? 
_refine.ls_goodness_of_fit_obs_esd               ? 
_refine.ls_hydrogen_treatment                    ? 
_refine.ls_matrix_type                           ? 
_refine.ls_number_constraints                    ? 
_refine.ls_number_parameters                     ? 
_refine.ls_number_reflns_all                     ? 
_refine.ls_number_reflns_obs                     12719 
_refine.ls_number_reflns_R_free                  636 
_refine.ls_number_reflns_R_work                  ? 
_refine.ls_number_restraints                     ? 
_refine.ls_percent_reflns_obs                    95.40 
_refine.ls_percent_reflns_R_free                 5.00 
_refine.ls_R_factor_all                          ? 
_refine.ls_R_factor_obs                          0.0617 
_refine.ls_R_factor_R_free                       0.0766 
_refine.ls_R_factor_R_free_error                 ? 
_refine.ls_R_factor_R_free_error_details         ? 
_refine.ls_R_factor_R_work                       0.0609 
_refine.ls_R_Fsqd_factor_obs                     ? 
_refine.ls_R_I_factor_obs                        ? 
_refine.ls_redundancy_reflns_all                 ? 
_refine.ls_redundancy_reflns_obs                 ? 
_refine.ls_restrained_S_all                      ? 
_refine.ls_restrained_S_obs                      ? 
_refine.ls_shift_over_esd_max                    ? 
_refine.ls_shift_over_esd_mean                   ? 
_refine.ls_structure_factor_coef                 ? 
_refine.ls_weighting_details                     ? 
_refine.ls_weighting_scheme                      ? 
_refine.ls_wR_factor_all                         ? 
_refine.ls_wR_factor_obs                         ? 
_refine.ls_wR_factor_R_free                      ? 
_refine.ls_wR_factor_R_work                      ? 
_refine.occupancy_max                            ? 
_refine.occupancy_min                            ? 
_refine.solvent_model_details                    ? 
_refine.solvent_model_param_bsol                 ? 
_refine.solvent_model_param_ksol                 ? 
_refine.ls_R_factor_gt                           ? 
_refine.ls_goodness_of_fit_gt                    ? 
_refine.ls_goodness_of_fit_ref                   ? 
_refine.ls_shift_over_su_max                     ? 
_refine.ls_shift_over_su_max_lt                  ? 
_refine.ls_shift_over_su_mean                    ? 
_refine.ls_shift_over_su_mean_lt                 ? 
_refine.pdbx_ls_sigma_I                          ? 
_refine.pdbx_ls_sigma_F                          1.40 
_refine.pdbx_ls_sigma_Fsqd                       ? 
_refine.pdbx_data_cutoff_high_absF               ? 
_refine.pdbx_data_cutoff_high_rms_absF           ? 
_refine.pdbx_data_cutoff_low_absF                ? 
_refine.pdbx_isotropic_thermal_model             ? 
_refine.pdbx_ls_cross_valid_method               'FREE R-VALUE' 
_refine.pdbx_method_to_determine_struct          'AB INITIO PHASING' 
_refine.pdbx_starting_model                      ? 
_refine.pdbx_stereochemistry_target_values       ? 
_refine.pdbx_R_Free_selection_details            ? 
_refine.pdbx_stereochem_target_val_spec_case     ? 
_refine.pdbx_overall_ESU_R                       ? 
_refine.pdbx_overall_ESU_R_Free                  ? 
_refine.pdbx_solvent_vdw_probe_radii             1.11 
_refine.pdbx_solvent_ion_probe_radii             ? 
_refine.pdbx_solvent_shrinkage_radii             0.90 
_refine.pdbx_real_space_R                        ? 
_refine.pdbx_density_correlation                 ? 
_refine.pdbx_pd_number_of_powder_patterns        ? 
_refine.pdbx_pd_number_of_points                 ? 
_refine.pdbx_pd_meas_number_of_points            ? 
_refine.pdbx_pd_proc_ls_prof_R_factor            ? 
_refine.pdbx_pd_proc_ls_prof_wR_factor           ? 
_refine.pdbx_pd_Marquardt_correlation_coeff      ? 
_refine.pdbx_pd_Fsqrd_R_factor                   ? 
_refine.pdbx_pd_ls_matrix_band_width             ? 
_refine.pdbx_overall_phase_error                 6.04 
_refine.pdbx_overall_SU_R_free_Cruickshank_DPI   ? 
_refine.pdbx_overall_SU_R_free_Blow_DPI          ? 
_refine.pdbx_overall_SU_R_Blow_DPI               ? 
_refine.pdbx_TLS_residual_ADP_flag               ? 
_refine.pdbx_diffrn_id                           1 
_refine.overall_SU_B                             ? 
_refine.overall_SU_ML                            0.03 
_refine.overall_SU_R_Cruickshank_DPI             ? 
_refine.overall_SU_R_free                        ? 
_refine.overall_FOM_free_R_set                   ? 
_refine.overall_FOM_work_R_set                   ? 
_refine.pdbx_average_fsc_overall                 ? 
_refine.pdbx_average_fsc_work                    ? 
_refine.pdbx_average_fsc_free                    ? 
# 
_refine_hist.pdbx_refine_id                   'X-RAY DIFFRACTION' 
_refine_hist.cycle_id                         LAST 
_refine_hist.pdbx_number_atoms_protein        142 
_refine_hist.pdbx_number_atoms_nucleic_acid   0 
_refine_hist.pdbx_number_atoms_ligand         4 
_refine_hist.number_atoms_solvent             21 
_refine_hist.number_atoms_total               167 
_refine_hist.d_res_high                       0.813 
_refine_hist.d_res_low                        20.460 
# 
loop_
_refine_ls_restr.pdbx_refine_id 
_refine_ls_restr.criterion 
_refine_ls_restr.dev_ideal 
_refine_ls_restr.dev_ideal_target 
_refine_ls_restr.number 
_refine_ls_restr.rejects 
_refine_ls_restr.type 
_refine_ls_restr.weight 
_refine_ls_restr.pdbx_restraint_function 
'X-RAY DIFFRACTION' ? 0.169  ? 145 ? f_bond_d           ? ? 
'X-RAY DIFFRACTION' ? 12.651 ? 183 ? f_angle_d          ? ? 
'X-RAY DIFFRACTION' ? 18.888 ? 42  ? f_dihedral_angle_d ? ? 
'X-RAY DIFFRACTION' ? 1.722  ? 18  ? f_chiral_restr     ? ? 
'X-RAY DIFFRACTION' ? 0.011  ? 20  ? f_plane_restr      ? ? 
# 
loop_
_refine_ls_shell.pdbx_refine_id 
_refine_ls_shell.d_res_high 
_refine_ls_shell.d_res_low 
_refine_ls_shell.number_reflns_all 
_refine_ls_shell.number_reflns_obs 
_refine_ls_shell.number_reflns_R_free 
_refine_ls_shell.number_reflns_R_work 
_refine_ls_shell.percent_reflns_obs 
_refine_ls_shell.percent_reflns_R_free 
_refine_ls_shell.R_factor_all 
_refine_ls_shell.R_factor_obs 
_refine_ls_shell.R_factor_R_free 
_refine_ls_shell.R_factor_R_free_error 
_refine_ls_shell.R_factor_R_work 
_refine_ls_shell.redundancy_reflns_all 
_refine_ls_shell.redundancy_reflns_obs 
_refine_ls_shell.wR_factor_all 
_refine_ls_shell.wR_factor_obs 
_refine_ls_shell.wR_factor_R_free 
_refine_ls_shell.wR_factor_R_work 
_refine_ls_shell.pdbx_total_number_of_bins_used 
_refine_ls_shell.pdbx_phase_error 
_refine_ls_shell.pdbx_fsc_work 
_refine_ls_shell.pdbx_fsc_free 
'X-RAY DIFFRACTION' 0.8129 0.8757  . . 105 1995 81.00  . . . 0.1320 . 0.1085 . . . . . . . . . . 
'X-RAY DIFFRACTION' 0.8757 0.9638  . . 126 2409 97.00  . . . 0.0923 . 0.0783 . . . . . . . . . . 
'X-RAY DIFFRACTION' 0.9638 1.1033  . . 131 2480 99.00  . . . 0.0723 . 0.0548 . . . . . . . . . . 
'X-RAY DIFFRACTION' 1.1033 1.3900  . . 133 2537 100.00 . . . 0.0635 . 0.0521 . . . . . . . . . . 
'X-RAY DIFFRACTION' 1.3900 20.4669 . . 141 2662 100.00 . . . 0.0718 . 0.0555 . . . . . . . . . . 
# 
_struct.entry_id                     5I6A 
_struct.title                        'bicyclo[3.3.2]decapeptide' 
_struct.pdbx_model_details           ? 
_struct.pdbx_formula_weight          ? 
_struct.pdbx_formula_weight_method   ? 
_struct.pdbx_model_type_details      ? 
_struct.pdbx_CASP_flag               ? 
# 
_struct_keywords.entry_id        5I6A 
_struct_keywords.text            'decapeptide, bicyclic, stereochemistry, orthogonality, structural protein' 
_struct_keywords.pdbx_keywords   'STRUCTURAL PROTEIN' 
# 
loop_
_struct_asym.id 
_struct_asym.pdbx_blank_PDB_chainid_flag 
_struct_asym.pdbx_modified 
_struct_asym.entity_id 
_struct_asym.details 
A N N 1 ? 
B N N 1 ? 
C N N 2 ? 
D N N 3 ? 
E N N 3 ? 
# 
_struct_ref.id                         1 
_struct_ref.db_name                    PDB 
_struct_ref.db_code                    5I6A 
_struct_ref.pdbx_db_accession          5I6A 
_struct_ref.pdbx_db_isoform            ? 
_struct_ref.entity_id                  1 
_struct_ref.pdbx_seq_one_letter_code   ? 
_struct_ref.pdbx_align_begin           1 
# 
loop_
_struct_ref_seq.align_id 
_struct_ref_seq.ref_id 
_struct_ref_seq.pdbx_PDB_id_code 
_struct_ref_seq.pdbx_strand_id 
_struct_ref_seq.seq_align_beg 
_struct_ref_seq.pdbx_seq_align_beg_ins_code 
_struct_ref_seq.seq_align_end 
_struct_ref_seq.pdbx_seq_align_end_ins_code 
_struct_ref_seq.pdbx_db_accession 
_struct_ref_seq.db_align_beg 
_struct_ref_seq.pdbx_db_align_beg_ins_code 
_struct_ref_seq.db_align_end 
_struct_ref_seq.pdbx_db_align_end_ins_code 
_struct_ref_seq.pdbx_auth_seq_align_beg 
_struct_ref_seq.pdbx_auth_seq_align_end 
1 1 5I6A A 1 ? 10 ? 5I6A 1 ? 10 ? 1 10 
2 1 5I6A B 1 ? 10 ? 5I6A 1 ? 10 ? 1 10 
# 
_pdbx_struct_assembly.id                   1 
_pdbx_struct_assembly.details              software_defined_assembly 
_pdbx_struct_assembly.method_details       PISA 
_pdbx_struct_assembly.oligomeric_details   dimeric 
_pdbx_struct_assembly.oligomeric_count     2 
# 
loop_
_pdbx_struct_assembly_prop.biol_id 
_pdbx_struct_assembly_prop.type 
_pdbx_struct_assembly_prop.value 
_pdbx_struct_assembly_prop.details 
1 'ABSA (A^2)' 410  ? 
1 MORE         -2   ? 
1 'SSA (A^2)'  1820 ? 
# 
_pdbx_struct_assembly_gen.assembly_id       1 
_pdbx_struct_assembly_gen.oper_expression   1 
_pdbx_struct_assembly_gen.asym_id_list      A,B,C,D,E 
# 
_pdbx_struct_oper_list.id                   1 
_pdbx_struct_oper_list.type                 'identity operation' 
_pdbx_struct_oper_list.name                 1_555 
_pdbx_struct_oper_list.symmetry_operation   x,y,z 
_pdbx_struct_oper_list.matrix[1][1]         1.0000000000 
_pdbx_struct_oper_list.matrix[1][2]         0.0000000000 
_pdbx_struct_oper_list.matrix[1][3]         0.0000000000 
_pdbx_struct_oper_list.vector[1]            0.0000000000 
_pdbx_struct_oper_list.matrix[2][1]         0.0000000000 
_pdbx_struct_oper_list.matrix[2][2]         1.0000000000 
_pdbx_struct_oper_list.matrix[2][3]         0.0000000000 
_pdbx_struct_oper_list.vector[2]            0.0000000000 
_pdbx_struct_oper_list.matrix[3][1]         0.0000000000 
_pdbx_struct_oper_list.matrix[3][2]         0.0000000000 
_pdbx_struct_oper_list.matrix[3][3]         1.0000000000 
_pdbx_struct_oper_list.vector[3]            0.0000000000 
# 
_struct_conf.conf_type_id            HELX_P 
_struct_conf.id                      HELX_P1 
_struct_conf.pdbx_PDB_helix_id       AA1 
_struct_conf.beg_label_comp_id       ALA 
_struct_conf.beg_label_asym_id       B 
_struct_conf.beg_label_seq_id        1 
_struct_conf.pdbx_beg_PDB_ins_code   ? 
_struct_conf.end_label_comp_id       VAL 
_struct_conf.end_label_asym_id       B 
_struct_conf.end_label_seq_id        5 
_struct_conf.pdbx_end_PDB_ins_code   ? 
_struct_conf.beg_auth_comp_id        ALA 
_struct_conf.beg_auth_asym_id        B 
_struct_conf.beg_auth_seq_id         1 
_struct_conf.end_auth_comp_id        VAL 
_struct_conf.end_auth_asym_id        B 
_struct_conf.end_auth_seq_id         5 
_struct_conf.pdbx_PDB_helix_class    5 
_struct_conf.details                 ? 
_struct_conf.pdbx_PDB_helix_length   5 
# 
_struct_conf_type.id          HELX_P 
_struct_conf_type.criteria    ? 
_struct_conf_type.reference   ? 
# 
loop_
_struct_conn.id 
_struct_conn.conn_type_id 
_struct_conn.pdbx_leaving_atom_flag 
_struct_conn.pdbx_PDB_id 
_struct_conn.ptnr1_label_asym_id 
_struct_conn.ptnr1_label_comp_id 
_struct_conn.ptnr1_label_seq_id 
_struct_conn.ptnr1_label_atom_id 
_struct_conn.pdbx_ptnr1_label_alt_id 
_struct_conn.pdbx_ptnr1_PDB_ins_code 
_struct_conn.pdbx_ptnr1_standard_comp_id 
_struct_conn.ptnr1_symmetry 
_struct_conn.ptnr2_label_asym_id 
_struct_conn.ptnr2_label_comp_id 
_struct_conn.ptnr2_label_seq_id 
_struct_conn.ptnr2_label_atom_id 
_struct_conn.pdbx_ptnr2_label_alt_id 
_struct_conn.pdbx_ptnr2_PDB_ins_code 
_struct_conn.ptnr1_auth_asym_id 
_struct_conn.ptnr1_auth_comp_id 
_struct_conn.ptnr1_auth_seq_id 
_struct_conn.ptnr2_auth_asym_id 
_struct_conn.ptnr2_auth_comp_id 
_struct_conn.ptnr2_auth_seq_id 
_struct_conn.ptnr2_symmetry 
_struct_conn.pdbx_ptnr3_label_atom_id 
_struct_conn.pdbx_ptnr3_label_seq_id 
_struct_conn.pdbx_ptnr3_label_comp_id 
_struct_conn.pdbx_ptnr3_label_asym_id 
_struct_conn.pdbx_ptnr3_label_alt_id 
_struct_conn.pdbx_ptnr3_PDB_ins_code 
_struct_conn.details 
_struct_conn.pdbx_dist_value 
_struct_conn.pdbx_value_order 
_struct_conn.pdbx_role 
covale1 covale both ? A GLY 3 C  ? ? ? 1_555 A DLY 4  N ? ? A GLY 3 A DLY 4  1_555 ? ? ? ? ? ? ? 1.362 ? ? 
covale2 covale both ? A DLY 4 C  ? ? ? 1_555 A VAL 5  N ? ? A DLY 4 A VAL 5  1_555 ? ? ? ? ? ? ? 1.336 ? ? 
covale3 covale one  ? A DLY 4 NZ ? ? ? 1_555 A GLY 10 C ? ? A DLY 4 A GLY 10 1_555 ? ? ? ? ? ? ? 1.332 ? ? 
covale4 covale both ? B GLY 3 C  ? ? ? 1_555 B DLY 4  N ? ? B GLY 3 B DLY 4  1_555 ? ? ? ? ? ? ? 1.359 ? ? 
covale5 covale both ? B DLY 4 C  ? ? ? 1_555 B VAL 5  N ? ? B DLY 4 B VAL 5  1_555 ? ? ? ? ? ? ? 1.345 ? ? 
covale6 covale one  ? B DLY 4 NZ ? ? ? 1_555 B GLY 10 C ? ? B DLY 4 B GLY 10 1_555 ? ? ? ? ? ? ? 1.355 ? ? 
# 
_struct_conn_type.id          covale 
_struct_conn_type.criteria    ? 
_struct_conn_type.reference   ? 
# 
loop_
_pdbx_modification_feature.ordinal 
_pdbx_modification_feature.label_comp_id 
_pdbx_modification_feature.label_asym_id 
_pdbx_modification_feature.label_seq_id 
_pdbx_modification_feature.label_alt_id 
_pdbx_modification_feature.modified_residue_label_comp_id 
_pdbx_modification_feature.modified_residue_label_asym_id 
_pdbx_modification_feature.modified_residue_label_seq_id 
_pdbx_modification_feature.modified_residue_label_alt_id 
_pdbx_modification_feature.auth_comp_id 
_pdbx_modification_feature.auth_asym_id 
_pdbx_modification_feature.auth_seq_id 
_pdbx_modification_feature.PDB_ins_code 
_pdbx_modification_feature.symmetry 
_pdbx_modification_feature.modified_residue_auth_comp_id 
_pdbx_modification_feature.modified_residue_auth_asym_id 
_pdbx_modification_feature.modified_residue_auth_seq_id 
_pdbx_modification_feature.modified_residue_PDB_ins_code 
_pdbx_modification_feature.modified_residue_symmetry 
_pdbx_modification_feature.comp_id_linking_atom 
_pdbx_modification_feature.modified_residue_id_linking_atom 
_pdbx_modification_feature.modified_residue_id 
_pdbx_modification_feature.ref_pcm_id 
_pdbx_modification_feature.ref_comp_id 
_pdbx_modification_feature.type 
_pdbx_modification_feature.category 
1 DLY A 4 ? GLY A 10 ? DLY A 4 ? 1_555 GLY A 10 ? 1_555 NZ C . . . None 'Isopeptide bond' 
2 DLY B 4 ? GLY B 10 ? DLY B 4 ? 1_555 GLY B 10 ? 1_555 NZ C . . . None 'Isopeptide bond' 
# 
loop_
_struct_site.id 
_struct_site.pdbx_evidence_code 
_struct_site.pdbx_auth_asym_id 
_struct_site.pdbx_auth_comp_id 
_struct_site.pdbx_auth_seq_id 
_struct_site.pdbx_auth_ins_code 
_struct_site.pdbx_num_residues 
_struct_site.details 
AC1 Software B DMS 101 ? 7  'binding site for residue DMS B 101'               
AC2 Software B ALA 1   ? 14 'binding site for Di-peptide ALA B 1 and GLN B 8'  
AC3 Software B GLY 3   ? 14 'binding site for Di-peptide GLY B 3 and DLY B 4'  
AC4 Software B DLY 4   ? 15 'binding site for Di-peptide DLY B 4 and GLY B 10' 
AC5 Software B DLY 4   ? 13 'binding site for Di-peptide DLY B 4 and VAL B 5'  
# 
loop_
_struct_site_gen.id 
_struct_site_gen.site_id 
_struct_site_gen.pdbx_num_res 
_struct_site_gen.label_comp_id 
_struct_site_gen.label_asym_id 
_struct_site_gen.label_seq_id 
_struct_site_gen.pdbx_auth_ins_code 
_struct_site_gen.auth_comp_id 
_struct_site_gen.auth_asym_id 
_struct_site_gen.auth_seq_id 
_struct_site_gen.label_atom_id 
_struct_site_gen.label_alt_id 
_struct_site_gen.symmetry 
_struct_site_gen.details 
1  AC1 7  GLY A 3  ? GLY A 3   . ? 3_545 ? 
2  AC1 7  ALA B 1  ? ALA B 1   . ? 1_555 ? 
3  AC1 7  PHE B 2  ? PHE B 2   . ? 1_555 ? 
4  AC1 7  GLY B 3  ? GLY B 3   . ? 1_555 ? 
5  AC1 7  GLN B 8  ? GLN B 8   . ? 1_555 ? 
6  AC1 7  GLY B 10 ? GLY B 10  . ? 1_555 ? 
7  AC1 7  HOH E .  ? HOH B 201 . ? 1_555 ? 
8  AC2 14 PHE B 2  ? PHE B 2   . ? 1_555 ? 
9  AC2 14 PHE B 2  ? PHE B 2   . ? 1_455 ? 
10 AC2 14 GLY B 3  ? GLY B 3   . ? 1_555 ? 
11 AC2 14 GLY B 3  ? GLY B 3   . ? 4_446 ? 
12 AC2 14 DLY B 4  ? DLY B 4   . ? 1_555 ? 
13 AC2 14 DLY B 4  ? DLY B 4   . ? 4_446 ? 
14 AC2 14 VAL B 5  ? VAL B 5   . ? 1_555 ? 
15 AC2 14 PHE B 6  ? PHE B 6   . ? 1_555 ? 
16 AC2 14 PRO B 7  ? PRO B 7   . ? 1_555 ? 
17 AC2 14 ALA B 9  ? ALA B 9   . ? 1_555 ? 
18 AC2 14 GLY B 10 ? GLY B 10  . ? 1_555 ? 
19 AC2 14 DMS C .  ? DMS B 101 . ? 1_555 ? 
20 AC2 14 HOH E .  ? HOH B 204 . ? 1_555 ? 
21 AC2 14 HOH E .  ? HOH B 207 . ? 1_555 ? 
22 AC3 14 ALA B 1  ? ALA B 1   . ? 1_555 ? 
23 AC3 14 PHE B 2  ? PHE B 2   . ? 1_555 ? 
24 AC3 14 VAL B 5  ? VAL B 5   . ? 4_446 ? 
25 AC3 14 VAL B 5  ? VAL B 5   . ? 1_555 ? 
26 AC3 14 PHE B 6  ? PHE B 6   . ? 1_555 ? 
27 AC3 14 PRO B 7  ? PRO B 7   . ? 4_546 ? 
28 AC3 14 GLN B 8  ? GLN B 8   . ? 1_555 ? 
29 AC3 14 GLN B 8  ? GLN B 8   . ? 4_546 ? 
30 AC3 14 ALA B 9  ? ALA B 9   . ? 1_555 ? 
31 AC3 14 ALA B 9  ? ALA B 9   . ? 1_655 ? 
32 AC3 14 GLY B 10 ? GLY B 10  . ? 1_555 ? 
33 AC3 14 GLY B 10 ? GLY B 10  . ? 4_546 ? 
34 AC3 14 DMS C .  ? DMS B 101 . ? 1_555 ? 
35 AC3 14 HOH E .  ? HOH B 203 . ? 1_555 ? 
36 AC4 15 DLY A 4  ? DLY A 4   . ? 3_545 ? 
37 AC4 15 ALA B 1  ? ALA B 1   . ? 1_555 ? 
38 AC4 15 PHE B 2  ? PHE B 2   . ? 1_555 ? 
39 AC4 15 GLY B 3  ? GLY B 3   . ? 4_446 ? 
40 AC4 15 GLY B 3  ? GLY B 3   . ? 1_555 ? 
41 AC4 15 VAL B 5  ? VAL B 5   . ? 1_555 ? 
42 AC4 15 VAL B 5  ? VAL B 5   . ? 4_446 ? 
43 AC4 15 PHE B 6  ? PHE B 6   . ? 1_555 ? 
44 AC4 15 GLN B 8  ? GLN B 8   . ? 1_555 ? 
45 AC4 15 GLN B 8  ? GLN B 8   . ? 4_546 ? 
46 AC4 15 ALA B 9  ? ALA B 9   . ? 1_555 ? 
47 AC4 15 DMS C .  ? DMS B 101 . ? 1_555 ? 
48 AC4 15 HOH E .  ? HOH B 202 . ? 4_446 ? 
49 AC4 15 HOH E .  ? HOH B 203 . ? 1_555 ? 
50 AC4 15 HOH E .  ? HOH B 206 . ? 1_555 ? 
51 AC5 13 PRO A 7  ? PRO A 7   . ? 4_456 ? 
52 AC5 13 ALA B 1  ? ALA B 1   . ? 1_555 ? 
53 AC5 13 PHE B 2  ? PHE B 2   . ? 1_555 ? 
54 AC5 13 GLY B 3  ? GLY B 3   . ? 1_555 ? 
55 AC5 13 GLY B 3  ? GLY B 3   . ? 4_446 ? 
56 AC5 13 PHE B 6  ? PHE B 6   . ? 1_555 ? 
57 AC5 13 GLN B 8  ? GLN B 8   . ? 1_555 ? 
58 AC5 13 GLN B 8  ? GLN B 8   . ? 4_546 ? 
59 AC5 13 ALA B 9  ? ALA B 9   . ? 1_555 ? 
60 AC5 13 GLY B 10 ? GLY B 10  . ? 1_555 ? 
61 AC5 13 GLY B 10 ? GLY B 10  . ? 4_546 ? 
62 AC5 13 HOH E .  ? HOH B 202 . ? 1_555 ? 
63 AC5 13 HOH E .  ? HOH B 203 . ? 1_555 ? 
# 
_pdbx_entry_details.entry_id                   5I6A 
_pdbx_entry_details.compound_details           ? 
_pdbx_entry_details.source_details             ? 
_pdbx_entry_details.nonpolymer_details         ? 
_pdbx_entry_details.sequence_details           ? 
_pdbx_entry_details.has_ligand_of_interest     ? 
_pdbx_entry_details.has_protein_modification   Y 
# 
loop_
_pdbx_validate_close_contact.id 
_pdbx_validate_close_contact.PDB_model_num 
_pdbx_validate_close_contact.auth_atom_id_1 
_pdbx_validate_close_contact.auth_asym_id_1 
_pdbx_validate_close_contact.auth_comp_id_1 
_pdbx_validate_close_contact.auth_seq_id_1 
_pdbx_validate_close_contact.PDB_ins_code_1 
_pdbx_validate_close_contact.label_alt_id_1 
_pdbx_validate_close_contact.auth_atom_id_2 
_pdbx_validate_close_contact.auth_asym_id_2 
_pdbx_validate_close_contact.auth_comp_id_2 
_pdbx_validate_close_contact.auth_seq_id_2 
_pdbx_validate_close_contact.PDB_ins_code_2 
_pdbx_validate_close_contact.label_alt_id_2 
_pdbx_validate_close_contact.dist 
1 1 C  B GLY 3   ? ? H  B DLY 4   ? ? 0.46 
2 1 C  A GLY 3   ? ? H  A DLY 4   ? ? 0.83 
3 1 H2 A HOH 107 ? ? H2 A HOH 111 ? ? 1.33 
4 1 N  B ALA 1   ? ? CD B GLN 8   ? ? 1.33 
5 1 N  A ALA 1   ? ? CD A GLN 8   ? ? 1.34 
6 1 O  B GLY 3   ? ? H  B DLY 4   ? ? 1.51 
# 
_pdbx_validate_torsion.id              1 
_pdbx_validate_torsion.PDB_model_num   1 
_pdbx_validate_torsion.auth_comp_id    GLN 
_pdbx_validate_torsion.auth_asym_id    A 
_pdbx_validate_torsion.auth_seq_id     8 
_pdbx_validate_torsion.PDB_ins_code    ? 
_pdbx_validate_torsion.label_alt_id    ? 
_pdbx_validate_torsion.phi             -171.49 
_pdbx_validate_torsion.psi             144.83 
# 
loop_
_chem_comp_atom.comp_id 
_chem_comp_atom.atom_id 
_chem_comp_atom.type_symbol 
_chem_comp_atom.pdbx_aromatic_flag 
_chem_comp_atom.pdbx_stereo_config 
_chem_comp_atom.pdbx_ordinal 
ALA N    N N N 1   
ALA CA   C N S 2   
ALA C    C N N 3   
ALA O    O N N 4   
ALA CB   C N N 5   
ALA OXT  O N N 6   
ALA H    H N N 7   
ALA H2   H N N 8   
ALA HA   H N N 9   
ALA HB1  H N N 10  
ALA HB2  H N N 11  
ALA HB3  H N N 12  
ALA HXT  H N N 13  
DLY N    N N N 14  
DLY CA   C N R 15  
DLY C    C N N 16  
DLY O    O N N 17  
DLY CB   C N N 18  
DLY CG   C N N 19  
DLY CD   C N N 20  
DLY CE   C N N 21  
DLY NZ   N N N 22  
DLY OXT  O N N 23  
DLY H    H N N 24  
DLY H2   H N N 25  
DLY HA   H N N 26  
DLY HB2  H N N 27  
DLY HB3  H N N 28  
DLY HG2  H N N 29  
DLY HG3  H N N 30  
DLY HD2  H N N 31  
DLY HD3  H N N 32  
DLY HE2  H N N 33  
DLY HE3  H N N 34  
DLY HZ1  H N N 35  
DLY HZ2  H N N 36  
DLY HXT  H N N 37  
DMS S    S N N 38  
DMS O    O N N 39  
DMS C1   C N N 40  
DMS C2   C N N 41  
DMS H11  H N N 42  
DMS H12  H N N 43  
DMS H13  H N N 44  
DMS H21  H N N 45  
DMS H22  H N N 46  
DMS H23  H N N 47  
GLN N    N N N 48  
GLN CA   C N S 49  
GLN C    C N N 50  
GLN O    O N N 51  
GLN CB   C N N 52  
GLN CG   C N N 53  
GLN CD   C N N 54  
GLN OE1  O N N 55  
GLN NE2  N N N 56  
GLN OXT  O N N 57  
GLN H    H N N 58  
GLN H2   H N N 59  
GLN HA   H N N 60  
GLN HB2  H N N 61  
GLN HB3  H N N 62  
GLN HG2  H N N 63  
GLN HG3  H N N 64  
GLN HE21 H N N 65  
GLN HE22 H N N 66  
GLN HXT  H N N 67  
GLY N    N N N 68  
GLY CA   C N N 69  
GLY C    C N N 70  
GLY O    O N N 71  
GLY OXT  O N N 72  
GLY H    H N N 73  
GLY H2   H N N 74  
GLY HA2  H N N 75  
GLY HA3  H N N 76  
GLY HXT  H N N 77  
HOH O    O N N 78  
HOH H1   H N N 79  
HOH H2   H N N 80  
PHE N    N N N 81  
PHE CA   C N S 82  
PHE C    C N N 83  
PHE O    O N N 84  
PHE CB   C N N 85  
PHE CG   C Y N 86  
PHE CD1  C Y N 87  
PHE CD2  C Y N 88  
PHE CE1  C Y N 89  
PHE CE2  C Y N 90  
PHE CZ   C Y N 91  
PHE OXT  O N N 92  
PHE H    H N N 93  
PHE H2   H N N 94  
PHE HA   H N N 95  
PHE HB2  H N N 96  
PHE HB3  H N N 97  
PHE HD1  H N N 98  
PHE HD2  H N N 99  
PHE HE1  H N N 100 
PHE HE2  H N N 101 
PHE HZ   H N N 102 
PHE HXT  H N N 103 
PRO N    N N N 104 
PRO CA   C N S 105 
PRO C    C N N 106 
PRO O    O N N 107 
PRO CB   C N N 108 
PRO CG   C N N 109 
PRO CD   C N N 110 
PRO OXT  O N N 111 
PRO H    H N N 112 
PRO HA   H N N 113 
PRO HB2  H N N 114 
PRO HB3  H N N 115 
PRO HG2  H N N 116 
PRO HG3  H N N 117 
PRO HD2  H N N 118 
PRO HD3  H N N 119 
PRO HXT  H N N 120 
VAL N    N N N 121 
VAL CA   C N S 122 
VAL C    C N N 123 
VAL O    O N N 124 
VAL CB   C N N 125 
VAL CG1  C N N 126 
VAL CG2  C N N 127 
VAL OXT  O N N 128 
VAL H    H N N 129 
VAL H2   H N N 130 
VAL HA   H N N 131 
VAL HB   H N N 132 
VAL HG11 H N N 133 
VAL HG12 H N N 134 
VAL HG13 H N N 135 
VAL HG21 H N N 136 
VAL HG22 H N N 137 
VAL HG23 H N N 138 
VAL HXT  H N N 139 
# 
loop_
_chem_comp_bond.comp_id 
_chem_comp_bond.atom_id_1 
_chem_comp_bond.atom_id_2 
_chem_comp_bond.value_order 
_chem_comp_bond.pdbx_aromatic_flag 
_chem_comp_bond.pdbx_stereo_config 
_chem_comp_bond.pdbx_ordinal 
ALA N   CA   sing N N 1   
ALA N   H    sing N N 2   
ALA N   H2   sing N N 3   
ALA CA  C    sing N N 4   
ALA CA  CB   sing N N 5   
ALA CA  HA   sing N N 6   
ALA C   O    doub N N 7   
ALA C   OXT  sing N N 8   
ALA CB  HB1  sing N N 9   
ALA CB  HB2  sing N N 10  
ALA CB  HB3  sing N N 11  
ALA OXT HXT  sing N N 12  
DLY N   CA   sing N N 13  
DLY N   H    sing N N 14  
DLY N   H2   sing N N 15  
DLY CA  C    sing N N 16  
DLY CA  CB   sing N N 17  
DLY CA  HA   sing N N 18  
DLY C   O    doub N N 19  
DLY C   OXT  sing N N 20  
DLY CB  CG   sing N N 21  
DLY CB  HB2  sing N N 22  
DLY CB  HB3  sing N N 23  
DLY CG  CD   sing N N 24  
DLY CG  HG2  sing N N 25  
DLY CG  HG3  sing N N 26  
DLY CD  CE   sing N N 27  
DLY CD  HD2  sing N N 28  
DLY CD  HD3  sing N N 29  
DLY CE  NZ   sing N N 30  
DLY CE  HE2  sing N N 31  
DLY CE  HE3  sing N N 32  
DLY NZ  HZ1  sing N N 33  
DLY NZ  HZ2  sing N N 34  
DLY OXT HXT  sing N N 35  
DMS S   O    doub N N 36  
DMS S   C1   sing N N 37  
DMS S   C2   sing N N 38  
DMS C1  H11  sing N N 39  
DMS C1  H12  sing N N 40  
DMS C1  H13  sing N N 41  
DMS C2  H21  sing N N 42  
DMS C2  H22  sing N N 43  
DMS C2  H23  sing N N 44  
GLN N   CA   sing N N 45  
GLN N   H    sing N N 46  
GLN N   H2   sing N N 47  
GLN CA  C    sing N N 48  
GLN CA  CB   sing N N 49  
GLN CA  HA   sing N N 50  
GLN C   O    doub N N 51  
GLN C   OXT  sing N N 52  
GLN CB  CG   sing N N 53  
GLN CB  HB2  sing N N 54  
GLN CB  HB3  sing N N 55  
GLN CG  CD   sing N N 56  
GLN CG  HG2  sing N N 57  
GLN CG  HG3  sing N N 58  
GLN CD  OE1  doub N N 59  
GLN CD  NE2  sing N N 60  
GLN NE2 HE21 sing N N 61  
GLN NE2 HE22 sing N N 62  
GLN OXT HXT  sing N N 63  
GLY N   CA   sing N N 64  
GLY N   H    sing N N 65  
GLY N   H2   sing N N 66  
GLY CA  C    sing N N 67  
GLY CA  HA2  sing N N 68  
GLY CA  HA3  sing N N 69  
GLY C   O    doub N N 70  
GLY C   OXT  sing N N 71  
GLY OXT HXT  sing N N 72  
HOH O   H1   sing N N 73  
HOH O   H2   sing N N 74  
PHE N   CA   sing N N 75  
PHE N   H    sing N N 76  
PHE N   H2   sing N N 77  
PHE CA  C    sing N N 78  
PHE CA  CB   sing N N 79  
PHE CA  HA   sing N N 80  
PHE C   O    doub N N 81  
PHE C   OXT  sing N N 82  
PHE CB  CG   sing N N 83  
PHE CB  HB2  sing N N 84  
PHE CB  HB3  sing N N 85  
PHE CG  CD1  doub Y N 86  
PHE CG  CD2  sing Y N 87  
PHE CD1 CE1  sing Y N 88  
PHE CD1 HD1  sing N N 89  
PHE CD2 CE2  doub Y N 90  
PHE CD2 HD2  sing N N 91  
PHE CE1 CZ   doub Y N 92  
PHE CE1 HE1  sing N N 93  
PHE CE2 CZ   sing Y N 94  
PHE CE2 HE2  sing N N 95  
PHE CZ  HZ   sing N N 96  
PHE OXT HXT  sing N N 97  
PRO N   CA   sing N N 98  
PRO N   CD   sing N N 99  
PRO N   H    sing N N 100 
PRO CA  C    sing N N 101 
PRO CA  CB   sing N N 102 
PRO CA  HA   sing N N 103 
PRO C   O    doub N N 104 
PRO C   OXT  sing N N 105 
PRO CB  CG   sing N N 106 
PRO CB  HB2  sing N N 107 
PRO CB  HB3  sing N N 108 
PRO CG  CD   sing N N 109 
PRO CG  HG2  sing N N 110 
PRO CG  HG3  sing N N 111 
PRO CD  HD2  sing N N 112 
PRO CD  HD3  sing N N 113 
PRO OXT HXT  sing N N 114 
VAL N   CA   sing N N 115 
VAL N   H    sing N N 116 
VAL N   H2   sing N N 117 
VAL CA  C    sing N N 118 
VAL CA  CB   sing N N 119 
VAL CA  HA   sing N N 120 
VAL C   O    doub N N 121 
VAL C   OXT  sing N N 122 
VAL CB  CG1  sing N N 123 
VAL CB  CG2  sing N N 124 
VAL CB  HB   sing N N 125 
VAL CG1 HG11 sing N N 126 
VAL CG1 HG12 sing N N 127 
VAL CG1 HG13 sing N N 128 
VAL CG2 HG21 sing N N 129 
VAL CG2 HG22 sing N N 130 
VAL CG2 HG23 sing N N 131 
VAL OXT HXT  sing N N 132 
# 
_pdbx_audit_support.funding_organization   'Marie-Curie ITN BioChemLig' 
_pdbx_audit_support.country                Switzerland 
_pdbx_audit_support.grant_number           FP7-ITN-238434 
_pdbx_audit_support.ordinal                1 
# 
_atom_sites.entry_id                    5I6A 
_atom_sites.fract_transf_matrix[1][1]   0.05536095 
_atom_sites.fract_transf_matrix[1][2]   0.02786198 
_atom_sites.fract_transf_matrix[1][3]   0.04730463 
_atom_sites.fract_transf_matrix[2][1]   -0.01940917 
_atom_sites.fract_transf_matrix[2][2]   0.03797725 
_atom_sites.fract_transf_matrix[2][3]   0.00034645 
_atom_sites.fract_transf_matrix[3][1]   -0.01282464 
_atom_sites.fract_transf_matrix[3][2]   -0.00672740 
_atom_sites.fract_transf_matrix[3][3]   0.01897115 
_atom_sites.fract_transf_vector[1]      0.168584 
_atom_sites.fract_transf_vector[2]      0.062507 
_atom_sites.fract_transf_vector[3]      0.379075 
# 
loop_
_atom_type.symbol 
C 
H 
N 
O 
S 
# 
loop_
_atom_site.group_PDB 
_atom_site.id 
_atom_site.type_symbol 
_atom_site.label_atom_id 
_atom_site.label_alt_id 
_atom_site.label_comp_id 
_atom_site.label_asym_id 
_atom_site.label_entity_id 
_atom_site.label_seq_id 
_atom_site.pdbx_PDB_ins_code 
_atom_site.Cartn_x 
_atom_site.Cartn_y 
_atom_site.Cartn_z 
_atom_site.occupancy 
_atom_site.B_iso_or_equiv 
_atom_site.pdbx_formal_charge 
_atom_site.auth_seq_id 
_atom_site.auth_comp_id 
_atom_site.auth_asym_id 
_atom_site.auth_atom_id 
_atom_site.pdbx_PDB_model_num 
ATOM   1   N N    . ALA A 1 1  ? 0.987  3.844   -0.446 1.00 2.46  ? 1   ALA A N    1 
ATOM   2   C CA   . ALA A 1 1  ? -0.071 2.902   -0.785 1.00 2.75  ? 1   ALA A CA   1 
ATOM   3   C C    . ALA A 1 1  ? -1.093 3.622   -1.687 1.00 2.56  ? 1   ALA A C    1 
ATOM   4   O O    . ALA A 1 1  ? -1.165 4.841   -1.748 1.00 2.77  ? 1   ALA A O    1 
ATOM   5   C CB   . ALA A 1 1  ? -0.771 2.359   0.450  1.00 3.35  ? 1   ALA A CB   1 
ATOM   6   H H2   . ALA A 1 1  ? 0.881  4.441   -0.475 1.00 4.44  ? 1   ALA A H2   1 
ATOM   7   H HA   . ALA A 1 1  ? 0.236  2.168   -1.161 1.00 2.51  ? 1   ALA A HA   1 
ATOM   8   H HB1  . ALA A 1 1  ? -1.538 1.819   0.214  1.00 6.21  ? 1   ALA A HB1  1 
ATOM   9   H HB2  . ALA A 1 1  ? -1.181 3.124   0.965  1.00 4.18  ? 1   ALA A HB2  1 
ATOM   10  H HB3  . ALA A 1 1  ? -0.219 2.013   1.167  1.00 4.56  ? 1   ALA A HB3  1 
ATOM   11  N N    . PHE A 1 2  ? -1.915 2.801   -2.352 1.00 2.82  ? 2   PHE A N    1 
ATOM   12  C CA   . PHE A 1 2  ? -3.140 3.249   -3.014 1.00 2.85  ? 2   PHE A CA   1 
ATOM   13  C C    . PHE A 1 2  ? -2.837 4.258   -4.124 1.00 2.89  ? 2   PHE A C    1 
ATOM   14  O O    . PHE A 1 2  ? -3.451 5.324   -4.228 1.00 3.05  ? 2   PHE A O    1 
ATOM   15  C CB   . PHE A 1 2  ? -4.205 3.757   -2.037 1.00 2.75  ? 2   PHE A CB   1 
ATOM   16  C CG   . PHE A 1 2  ? -4.592 2.684   -1.041 1.00 2.72  ? 2   PHE A CG   1 
ATOM   17  C CD1  . PHE A 1 2  ? -5.004 1.408   -1.450 1.00 2.97  ? 2   PHE A CD1  1 
ATOM   18  C CD2  . PHE A 1 2  ? -4.507 2.935   0.315  1.00 3.36  ? 2   PHE A CD2  1 
ATOM   19  C CE1  . PHE A 1 2  ? -5.329 0.441   -0.519 1.00 3.28  ? 2   PHE A CE1  1 
ATOM   20  C CE2  . PHE A 1 2  ? -4.830 1.968   1.263  1.00 4.07  ? 2   PHE A CE2  1 
ATOM   21  C CZ   . PHE A 1 2  ? -5.252 0.703   0.833  1.00 3.47  ? 2   PHE A CZ   1 
ATOM   22  H H    . PHE A 1 2  ? -1.813 2.185   -2.289 1.00 3.01  ? 2   PHE A H    1 
ATOM   23  H HA   . PHE A 1 2  ? -3.468 2.503   -3.470 1.00 1.75  ? 2   PHE A HA   1 
ATOM   24  H HB2  . PHE A 1 2  ? -3.834 4.554   -1.634 1.00 2.80  ? 2   PHE A HB2  1 
ATOM   25  H HB3  . PHE A 1 2  ? -4.982 4.059   -2.541 1.00 4.56  ? 2   PHE A HB3  1 
ATOM   26  H HD1  . PHE A 1 2  ? -5.251 1.163   -2.380 1.00 4.21  ? 2   PHE A HD1  1 
ATOM   27  H HD2  . PHE A 1 2  ? -4.217 3.780   0.629  1.00 2.26  ? 2   PHE A HD2  1 
ATOM   28  H HE1  . PHE A 1 2  ? -5.577 -0.313  -0.841 1.00 2.81  ? 2   PHE A HE1  1 
ATOM   29  H HE2  . PHE A 1 2  ? -4.817 2.181   2.186  1.00 4.14  ? 2   PHE A HE2  1 
ATOM   30  H HZ   . PHE A 1 2  ? -5.439 -0.028  1.519  1.00 4.17  ? 2   PHE A HZ   1 
ATOM   31  N N    . GLY A 1 3  ? -1.941 3.891   -5.052 1.00 3.42  ? 3   GLY A N    1 
ATOM   32  C CA   . GLY A 1 3  ? -1.679 4.758   -6.182 1.00 3.92  ? 3   GLY A CA   1 
ATOM   33  C C    . GLY A 1 3  ? -1.085 6.109   -5.772 1.00 3.56  ? 3   GLY A C    1 
ATOM   34  O O    . GLY A 1 3  ? -1.288 7.104   -6.465 1.00 4.61  ? 3   GLY A O    1 
ATOM   35  H H    . GLY A 1 3  ? -1.423 3.319   -4.819 1.00 1.58  ? 3   GLY A H    1 
ATOM   36  H HA2  . GLY A 1 3  ? -0.919 4.206   -7.067 1.00 5.71  ? 3   GLY A HA2  1 
ATOM   37  H HA3  . GLY A 1 3  ? -2.616 4.728   -6.607 1.00 7.60  ? 3   GLY A HA3  1 
HETATM 38  N N    . DLY A 1 4  ? -0.325 6.094   -4.642 1.00 2.92  ? 4   DLY A N    1 
HETATM 39  C CA   . DLY A 1 4  ? 0.342  7.251   -4.086 1.00 2.71  ? 4   DLY A CA   1 
HETATM 40  C C    . DLY A 1 4  ? -0.600 8.139   -3.242 1.00 2.76  ? 4   DLY A C    1 
HETATM 41  O O    . DLY A 1 4  ? -0.169 9.180   -2.741 1.00 3.19  ? 4   DLY A O    1 
HETATM 42  C CB   . DLY A 1 4  ? 1.520  6.784   -3.230 1.00 2.76  ? 4   DLY A CB   1 
HETATM 43  C CG   . DLY A 1 4  ? 2.657  6.160   -4.042 1.00 2.70  ? 4   DLY A CG   1 
HETATM 44  C CD   . DLY A 1 4  ? 3.705  5.523   -3.131 1.00 2.61  ? 4   DLY A CD   1 
HETATM 45  C CE   . DLY A 1 4  ? 4.886  4.970   -3.901 1.00 3.02  ? 4   DLY A CE   1 
HETATM 46  N NZ   . DLY A 1 4  ? 5.910  4.379   -3.025 1.00 2.58  ? 4   DLY A NZ   1 
HETATM 47  H H    . DLY A 1 4  ? -0.310 5.868   -5.599 1.00 5.85  ? 4   DLY A H    1 
HETATM 48  H HA   . DLY A 1 4  ? 0.620  7.757   -4.799 1.00 1.91  ? 4   DLY A HA   1 
HETATM 49  H HB2  . DLY A 1 4  ? 1.182  6.115   -2.480 1.00 3.83  ? 4   DLY A HB2  1 
HETATM 50  H HB3  . DLY A 1 4  ? 1.816  7.344   -2.756 1.00 0.25  ? 4   DLY A HB3  1 
HETATM 51  H HG2  . DLY A 1 4  ? 2.281  5.553   -4.677 1.00 4.39  ? 4   DLY A HG2  1 
HETATM 52  H HG3  . DLY A 1 4  ? 3.080  6.889   -4.498 1.00 2.22  ? 4   DLY A HG3  1 
HETATM 53  H HD2  . DLY A 1 4  ? 3.938  6.196   -2.496 1.00 2.21  ? 4   DLY A HD2  1 
HETATM 54  H HD3  . DLY A 1 4  ? 3.206  4.815   -2.684 1.00 4.16  ? 4   DLY A HD3  1 
HETATM 55  H HE2  . DLY A 1 4  ? 4.470  4.313   -4.349 1.00 4.79  ? 4   DLY A HE2  1 
HETATM 56  H HE3  . DLY A 1 4  ? 5.363  5.746   -4.430 1.00 4.82  ? 4   DLY A HE3  1 
HETATM 57  H HZ1  . DLY A 1 4  ? 6.779  5.163   -3.332 1.00 8.18  ? 4   DLY A HZ1  1 
ATOM   58  N N    . VAL A 1 5  ? -1.864 7.743   -3.071 1.00 2.58  ? 5   VAL A N    1 
ATOM   59  C CA   . VAL A 1 5  ? -2.807 8.521   -2.290 1.00 2.44  ? 5   VAL A CA   1 
ATOM   60  C C    . VAL A 1 5  ? -2.437 8.514   -0.802 1.00 2.28  ? 5   VAL A C    1 
ATOM   61  O O    . VAL A 1 5  ? -2.721 9.481   -0.080 1.00 3.02  ? 5   VAL A O    1 
ATOM   62  C CB   . VAL A 1 5  ? -4.239 8.016   -2.583 1.00 2.92  ? 5   VAL A CB   1 
ATOM   63  C CG1  . VAL A 1 5  ? -5.274 8.568   -1.593 1.00 3.86  ? 5   VAL A CG1  1 
ATOM   64  C CG2  . VAL A 1 5  ? -4.629 8.401   -4.005 1.00 3.73  ? 5   VAL A CG2  1 
ATOM   65  H H    . VAL A 1 5  ? -2.103 7.105   -3.304 1.00 3.38  ? 5   VAL A H    1 
ATOM   66  H HA   . VAL A 1 5  ? -2.724 9.544   -2.508 1.00 2.80  ? 5   VAL A HA   1 
ATOM   67  H HB   . VAL A 1 5  ? -4.163 6.985   -2.450 1.00 2.61  ? 5   VAL A HB   1 
ATOM   68  H HG11 . VAL A 1 5  ? -6.122 8.137   -1.746 1.00 4.39  ? 5   VAL A HG11 1 
ATOM   69  H HG12 . VAL A 1 5  ? -5.338 9.463   -1.583 1.00 5.32  ? 5   VAL A HG12 1 
ATOM   70  H HG13 . VAL A 1 5  ? -5.066 8.354   -0.787 1.00 3.87  ? 5   VAL A HG13 1 
ATOM   71  H HG21 . VAL A 1 5  ? -5.569 8.068   -4.255 1.00 3.48  ? 5   VAL A HG21 1 
ATOM   72  H HG22 . VAL A 1 5  ? -3.979 8.145   -4.608 1.00 4.17  ? 5   VAL A HG22 1 
ATOM   73  H HG23 . VAL A 1 5  ? -4.651 9.383   -4.141 1.00 3.87  ? 5   VAL A HG23 1 
ATOM   74  N N    . PHE A 1 6  ? -1.830 7.420   -0.312 1.00 2.44  ? 6   PHE A N    1 
ATOM   75  C CA   . PHE A 1 6  ? -1.218 7.406   1.022  1.00 2.41  ? 6   PHE A CA   1 
ATOM   76  C C    . PHE A 1 6  ? 0.294  7.594   0.829  1.00 2.36  ? 6   PHE A C    1 
ATOM   77  O O    . PHE A 1 6  ? 0.915  6.787   0.110  1.00 2.92  ? 6   PHE A O    1 
ATOM   78  C CB   . PHE A 1 6  ? -1.422 6.069   1.725  1.00 2.79  ? 6   PHE A CB   1 
ATOM   79  C CG   . PHE A 1 6  ? -2.791 5.828   2.337  1.00 2.68  ? 6   PHE A CG   1 
ATOM   80  C CD1  . PHE A 1 6  ? -3.896 6.626   2.094  1.00 3.08  ? 6   PHE A CD1  1 
ATOM   81  C CD2  . PHE A 1 6  ? -2.949 4.759   3.223  1.00 3.15  ? 6   PHE A CD2  1 
ATOM   82  C CE1  . PHE A 1 6  ? -5.108 6.379   2.733  1.00 3.69  ? 6   PHE A CE1  1 
ATOM   83  C CE2  . PHE A 1 6  ? -4.156 4.513   3.859  1.00 3.56  ? 6   PHE A CE2  1 
ATOM   84  C CZ   . PHE A 1 6  ? -5.235 5.321   3.622  1.00 3.80  ? 6   PHE A CZ   1 
ATOM   85  H H    . PHE A 1 6  ? -1.628 6.928   -0.804 1.00 1.61  ? 6   PHE A H    1 
ATOM   86  H HA   . PHE A 1 6  ? -1.646 8.163   1.568  1.00 2.20  ? 6   PHE A HA   1 
ATOM   87  H HB2  . PHE A 1 6  ? -1.329 5.332   1.099  1.00 3.07  ? 6   PHE A HB2  1 
ATOM   88  H HB3  . PHE A 1 6  ? -0.842 5.996   2.411  1.00 3.15  ? 6   PHE A HB3  1 
ATOM   89  H HD1  . PHE A 1 6  ? -3.767 7.264   1.551  1.00 2.80  ? 6   PHE A HD1  1 
ATOM   90  H HD2  . PHE A 1 6  ? -2.380 4.390   3.418  1.00 2.52  ? 6   PHE A HD2  1 
ATOM   91  H HE1  . PHE A 1 6  ? -5.798 6.828   2.569  1.00 3.56  ? 6   PHE A HE1  1 
ATOM   92  H HE2  . PHE A 1 6  ? -4.259 3.722   4.490  1.00 4.71  ? 6   PHE A HE2  1 
ATOM   93  H HZ   . PHE A 1 6  ? -5.715 4.888   4.069  1.00 7.55  ? 6   PHE A HZ   1 
ATOM   94  N N    . PRO A 1 7  ? 0.897  8.606   1.441  1.00 2.32  ? 7   PRO A N    1 
ATOM   95  C CA   . PRO A 1 7  ? 2.357  8.771   1.282  1.00 2.41  ? 7   PRO A CA   1 
ATOM   96  C C    . PRO A 1 7  ? 3.057  7.609   2.000  1.00 2.37  ? 7   PRO A C    1 
ATOM   97  O O    . PRO A 1 7  ? 2.687  7.192   3.096  1.00 3.08  ? 7   PRO A O    1 
ATOM   98  C CB   . PRO A 1 7  ? 2.626  10.125  1.964  1.00 2.95  ? 7   PRO A CB   1 
ATOM   99  C CG   . PRO A 1 7  ? 1.557  10.219  3.037  1.00 2.94  ? 7   PRO A CG   1 
ATOM   100 C CD   . PRO A 1 7  ? 0.322  9.587   2.390  1.00 2.44  ? 7   PRO A CD   1 
ATOM   101 H HA   . PRO A 1 7  ? 2.567  8.847   0.294  1.00 3.27  ? 7   PRO A HA   1 
ATOM   102 H HB2  . PRO A 1 7  ? 3.477  10.104  2.328  1.00 4.61  ? 7   PRO A HB2  1 
ATOM   103 H HB3  . PRO A 1 7  ? 2.513  10.812  1.348  1.00 2.45  ? 7   PRO A HB3  1 
ATOM   104 H HG2  . PRO A 1 7  ? 1.888  9.637   3.785  1.00 2.76  ? 7   PRO A HG2  1 
ATOM   105 H HG3  . PRO A 1 7  ? 1.421  11.088  3.241  1.00 4.18  ? 7   PRO A HG3  1 
ATOM   106 H HD2  . PRO A 1 7  ? -0.233 9.145   2.965  1.00 3.55  ? 7   PRO A HD2  1 
ATOM   107 H HD3  . PRO A 1 7  ? -0.313 10.254  1.779  1.00 1.77  ? 7   PRO A HD3  1 
ATOM   108 N N    . GLN A 1 8  ? 4.112  7.082   1.344  1.00 2.31  ? 8   GLN A N    1 
ATOM   109 C CA   . GLN A 1 8  ? 4.698  5.828   1.787  1.00 2.20  ? 8   GLN A CA   1 
ATOM   110 C C    . GLN A 1 8  ? 5.977  5.587   1.012  1.00 2.30  ? 8   GLN A C    1 
ATOM   111 O O    . GLN A 1 8  ? 6.037  5.875   -0.190 1.00 2.72  ? 8   GLN A O    1 
ATOM   112 C CB   . GLN A 1 8  ? 3.711  4.636   1.592  1.00 2.36  ? 8   GLN A CB   1 
ATOM   113 C CG   . GLN A 1 8  ? 3.258  4.505   0.138  1.00 2.37  ? 8   GLN A CG   1 
ATOM   114 C CD   . GLN A 1 8  ? 2.197  3.433   -0.056 1.00 2.52  ? 8   GLN A CD   1 
ATOM   115 O OE1  . GLN A 1 8  ? 2.487  2.234   0.101  1.00 2.90  ? 8   GLN A OE1  1 
ATOM   116 H H    . GLN A 1 8  ? 4.153  7.345   0.597  1.00 3.83  ? 8   GLN A H    1 
ATOM   117 H HA   . GLN A 1 8  ? 4.846  5.843   2.688  1.00 2.65  ? 8   GLN A HA   1 
ATOM   118 H HB2  . GLN A 1 8  ? 4.108  3.899   1.814  1.00 2.34  ? 8   GLN A HB2  1 
ATOM   119 H HB3  . GLN A 1 8  ? 2.911  4.881   2.209  1.00 1.92  ? 8   GLN A HB3  1 
ATOM   120 H HG2  . GLN A 1 8  ? 2.786  5.504   -0.182 1.00 1.76  ? 8   GLN A HG2  1 
ATOM   121 H HG3  . GLN A 1 8  ? 4.132  4.348   -0.479 1.00 2.47  ? 8   GLN A HG3  1 
ATOM   122 N N    . ALA A 1 9  ? 6.974  4.992   1.673  1.00 2.52  ? 9   ALA A N    1 
ATOM   123 C CA   . ALA A 1 9  ? 8.110  4.469   0.908  1.00 2.44  ? 9   ALA A CA   1 
ATOM   124 C C    . ALA A 1 9  ? 7.559  3.514   -0.162 1.00 2.35  ? 9   ALA A C    1 
ATOM   125 O O    . ALA A 1 9  ? 6.737  2.643   0.149  1.00 3.03  ? 9   ALA A O    1 
ATOM   126 C CB   . ALA A 1 9  ? 9.072  3.742   1.830  1.00 3.03  ? 9   ALA A CB   1 
ATOM   127 H H    . ALA A 1 9  ? 7.055  4.895   2.431  1.00 3.81  ? 9   ALA A H    1 
ATOM   128 H HA   . ALA A 1 9  ? 8.637  5.146   0.462  1.00 3.89  ? 9   ALA A HA   1 
ATOM   129 H HB1  . ALA A 1 9  ? 9.809  3.464   1.222  1.00 4.45  ? 9   ALA A HB1  1 
ATOM   130 H HB2  . ALA A 1 9  ? 8.593  3.084   2.306  1.00 8.21  ? 9   ALA A HB2  1 
ATOM   131 H HB3  . ALA A 1 9  ? 9.367  4.349   2.543  1.00 3.71  ? 9   ALA A HB3  1 
ATOM   132 N N    . GLY A 1 10 ? 8.036  3.673   -1.382 1.00 2.39  ? 10  GLY A N    1 
ATOM   133 C CA   . GLY A 1 10 ? 7.693  2.795   -2.466 1.00 2.65  ? 10  GLY A CA   1 
ATOM   134 C C    . GLY A 1 10 ? 6.563  3.267   -3.359 1.00 2.54  ? 10  GLY A C    1 
ATOM   135 O O    . GLY A 1 10 ? 6.312  2.612   -4.388 1.00 3.44  ? 10  GLY A O    1 
ATOM   136 H H    . GLY A 1 10 ? 8.395  4.144   -1.500 1.00 0.38  ? 10  GLY A H    1 
ATOM   137 H HA2  . GLY A 1 10 ? 8.422  2.709   -2.974 1.00 3.33  ? 10  GLY A HA2  1 
ATOM   138 H HA3  . GLY A 1 10 ? 7.459  2.073   -2.120 1.00 3.32  ? 10  GLY A HA3  1 
ATOM   139 N N    . ALA B 1 1  ? -1.345 -3.761  0.351  1.00 2.33  ? 1   ALA B N    1 
ATOM   140 C CA   . ALA B 1 1  ? -0.701 -2.514  0.731  1.00 2.47  ? 1   ALA B CA   1 
ATOM   141 C C    . ALA B 1 1  ? -0.166 -2.622  2.158  1.00 2.37  ? 1   ALA B C    1 
ATOM   142 O O    . ALA B 1 1  ? -0.668 -3.377  3.001  1.00 2.54  ? 1   ALA B O    1 
ATOM   143 C CB   . ALA B 1 1  ? -1.669 -1.330  0.587  1.00 3.21  ? 1   ALA B CB   1 
ATOM   144 H H2   . ALA B 1 1  ? -1.799 -4.053  0.853  1.00 1.55  ? 1   ALA B H2   1 
ATOM   145 H HA   . ALA B 1 1  ? 0.085  -2.328  0.045  1.00 3.93  ? 1   ALA B HA   1 
ATOM   146 H HB1  . ALA B 1 1  ? -1.308 -0.529  0.843  1.00 4.16  ? 1   ALA B HB1  1 
ATOM   147 H HB2  . ALA B 1 1  ? -2.477 -1.360  1.184  1.00 4.72  ? 1   ALA B HB2  1 
ATOM   148 H HB3  . ALA B 1 1  ? -1.923 -1.163  -0.290 1.00 3.33  ? 1   ALA B HB3  1 
ATOM   149 N N    . PHE B 1 2  ? 0.897  -1.849  2.404  1.00 2.85  ? 2   PHE B N    1 
ATOM   150 C CA   . PHE B 1 2  ? 1.526  -1.759  3.722  1.00 3.26  ? 2   PHE B CA   1 
ATOM   151 C C    . PHE B 1 2  ? 1.914  -3.148  4.248  1.00 3.29  ? 2   PHE B C    1 
ATOM   152 O O    . PHE B 1 2  ? 1.826  -3.453  5.434  1.00 4.35  ? 2   PHE B O    1 
ATOM   153 C CB   . PHE B 1 2  ? 0.674  -1.001  4.746  1.00 3.62  ? 2   PHE B CB   1 
ATOM   154 C CG   . PHE B 1 2  ? 0.622  0.489   4.574  1.00 3.37  ? 2   PHE B CG   1 
ATOM   155 C CD1  . PHE B 1 2  ? 1.333  1.183   3.618  1.00 4.34  ? 2   PHE B CD1  1 
ATOM   156 C CD2  . PHE B 1 2  ? -0.204 1.214   5.456  1.00 4.37  ? 2   PHE B CD2  1 
ATOM   157 C CE1  . PHE B 1 2  ? 1.277  2.579   3.574  1.00 4.72  ? 2   PHE B CE1  1 
ATOM   158 C CE2  . PHE B 1 2  ? -0.249 2.599   5.414  1.00 5.05  ? 2   PHE B CE2  1 
ATOM   159 C CZ   . PHE B 1 2  ? 0.521  3.292   4.481  1.00 4.47  ? 2   PHE B CZ   1 
ATOM   160 H H    . PHE B 1 2  ? 1.163  -1.397  1.749  1.00 3.86  ? 2   PHE B H    1 
ATOM   161 H HA   . PHE B 1 2  ? 2.296  -1.369  3.550  1.00 3.95  ? 2   PHE B HA   1 
ATOM   162 H HB2  . PHE B 1 2  ? -0.158 -1.454  4.767  1.00 4.04  ? 2   PHE B HB2  1 
ATOM   163 H HB3  . PHE B 1 2  ? 1.170  -1.176  5.658  1.00 4.02  ? 2   PHE B HB3  1 
ATOM   164 H HD1  . PHE B 1 2  ? 1.956  0.765   2.935  1.00 4.63  ? 2   PHE B HD1  1 
ATOM   165 H HD2  . PHE B 1 2  ? -0.747 0.620   6.040  1.00 6.15  ? 2   PHE B HD2  1 
ATOM   166 H HE1  . PHE B 1 2  ? 1.912  3.147   2.893  1.00 7.02  ? 2   PHE B HE1  1 
ATOM   167 H HE2  . PHE B 1 2  ? -0.847 3.067   5.978  1.00 5.49  ? 2   PHE B HE2  1 
ATOM   168 H HZ   . PHE B 1 2  ? 0.651  4.231   4.377  1.00 5.19  ? 2   PHE B HZ   1 
ATOM   169 N N    . GLY B 1 3  ? 2.460  -3.980  3.332  1.00 3.75  ? 3   GLY B N    1 
ATOM   170 C CA   . GLY B 1 3  ? 2.980  -5.253  3.738  1.00 4.05  ? 3   GLY B CA   1 
ATOM   171 C C    . GLY B 1 3  ? 1.949  -6.322  4.086  1.00 3.03  ? 3   GLY B C    1 
ATOM   172 O O    . GLY B 1 3  ? 2.285  -7.443  4.484  1.00 3.98  ? 3   GLY B O    1 
ATOM   173 H H    . GLY B 1 3  ? 2.412  -3.865  2.678  1.00 4.40  ? 3   GLY B H    1 
ATOM   174 H HA2  . GLY B 1 3  ? 3.495  -5.612  3.111  1.00 4.13  ? 3   GLY B HA2  1 
ATOM   175 H HA3  . GLY B 1 3  ? 3.584  -5.038  4.698  1.00 5.24  ? 3   GLY B HA3  1 
HETATM 176 N N    . DLY B 1 4  ? 0.650  -5.947  3.948  1.00 2.26  ? 4   DLY B N    1 
HETATM 177 C CA   . DLY B 1 4  ? -0.466 -6.843  4.204  1.00 2.16  ? 4   DLY B CA   1 
HETATM 178 C C    . DLY B 1 4  ? -1.488 -6.211  5.144  1.00 2.15  ? 4   DLY B C    1 
HETATM 179 O O    . DLY B 1 4  ? -2.531 -6.814  5.422  1.00 3.04  ? 4   DLY B O    1 
HETATM 180 C CB   . DLY B 1 4  ? -1.099 -7.287  2.879  1.00 2.34  ? 4   DLY B CB   1 
HETATM 181 C CG   . DLY B 1 4  ? -0.147 -8.237  2.132  1.00 2.38  ? 4   DLY B CG   1 
HETATM 182 C CD   . DLY B 1 4  ? -0.397 -8.270  0.633  1.00 2.32  ? 4   DLY B CD   1 
HETATM 183 C CE   . DLY B 1 4  ? 0.398  -9.404  -0.009 1.00 2.56  ? 4   DLY B CE   1 
HETATM 184 N NZ   . DLY B 1 4  ? 0.276  -9.422  -1.457 1.00 2.62  ? 4   DLY B NZ   1 
HETATM 185 H H    . DLY B 1 4  ? 1.508  -6.258  3.974  1.00 4.85  ? 4   DLY B H    1 
HETATM 186 H HA   . DLY B 1 4  ? -0.062 -7.632  4.650  1.00 2.56  ? 4   DLY B HA   1 
HETATM 187 H HB2  . DLY B 1 4  ? -1.935 -7.680  3.073  1.00 1.86  ? 4   DLY B HB2  1 
HETATM 188 H HB3  . DLY B 1 4  ? -1.311 -6.493  2.433  1.00 2.02  ? 4   DLY B HB3  1 
HETATM 189 H HG2  . DLY B 1 4  ? -0.171 -9.122  2.484  1.00 3.36  ? 4   DLY B HG2  1 
HETATM 190 H HG3  . DLY B 1 4  ? 0.850  -7.809  2.254  1.00 2.31  ? 4   DLY B HG3  1 
HETATM 191 H HD2  . DLY B 1 4  ? 0.020  -7.311  0.258  1.00 2.65  ? 4   DLY B HD2  1 
HETATM 192 H HD3  . DLY B 1 4  ? -1.369 -8.413  0.443  1.00 2.59  ? 4   DLY B HD3  1 
HETATM 193 H HE2  . DLY B 1 4  ? 1.386  -9.342  0.257  1.00 3.63  ? 4   DLY B HE2  1 
HETATM 194 H HE3  . DLY B 1 4  ? 0.018  -10.132 0.295  1.00 5.21  ? 4   DLY B HE3  1 
HETATM 195 H HZ1  . DLY B 1 4  ? -0.542 -9.455  -1.953 1.00 3.14  ? 4   DLY B HZ1  1 
ATOM   196 N N    . VAL B 1 5  ? -1.232 -4.999  5.666  1.00 2.03  ? 5   VAL B N    1 
ATOM   197 C CA   . VAL B 1 5  ? -2.232 -4.342  6.506  1.00 2.18  ? 5   VAL B CA   1 
ATOM   198 C C    . VAL B 1 5  ? -3.571 -4.259  5.776  1.00 2.09  ? 5   VAL B C    1 
ATOM   199 O O    . VAL B 1 5  ? -4.636 -4.472  6.349  1.00 2.57  ? 5   VAL B O    1 
ATOM   200 C CB   . VAL B 1 5  ? -1.756 -2.938  6.935  1.00 2.50  ? 5   VAL B CB   1 
ATOM   201 C CG1  . VAL B 1 5  ? -2.877 -2.168  7.635  1.00 2.97  ? 5   VAL B CG1  1 
ATOM   202 C CG2  . VAL B 1 5  ? -0.524 -3.018  7.819  1.00 3.13  ? 5   VAL B CG2  1 
ATOM   203 H H    . VAL B 1 5  ? -0.610 -4.597  5.535  1.00 0.89  ? 5   VAL B H    1 
ATOM   204 H HA   . VAL B 1 5  ? -2.473 -4.842  7.359  1.00 3.28  ? 5   VAL B HA   1 
ATOM   205 H HB   . VAL B 1 5  ? -1.508 -2.442  6.084  1.00 4.06  ? 5   VAL B HB   1 
ATOM   206 H HG11 . VAL B 1 5  ? -2.584 -1.264  7.971  1.00 2.74  ? 5   VAL B HG11 1 
ATOM   207 H HG12 . VAL B 1 5  ? -3.180 -2.644  8.432  1.00 5.10  ? 5   VAL B HG12 1 
ATOM   208 H HG13 . VAL B 1 5  ? -3.613 -2.023  7.127  1.00 3.41  ? 5   VAL B HG13 1 
ATOM   209 H HG21 . VAL B 1 5  ? -0.213 -2.080  8.078  1.00 5.54  ? 5   VAL B HG21 1 
ATOM   210 H HG22 . VAL B 1 5  ? 0.203  -3.256  7.306  1.00 2.43  ? 5   VAL B HG22 1 
ATOM   211 H HG23 . VAL B 1 5  ? -0.789 -3.406  8.628  1.00 2.59  ? 5   VAL B HG23 1 
ATOM   212 N N    . PHE B 1 6  ? -3.492 -3.859  4.492  1.00 2.09  ? 6   PHE B N    1 
ATOM   213 C CA   . PHE B 1 6  ? -4.683 -3.786  3.659  1.00 2.12  ? 6   PHE B CA   1 
ATOM   214 C C    . PHE B 1 6  ? -4.555 -4.898  2.609  1.00 2.05  ? 6   PHE B C    1 
ATOM   215 O O    . PHE B 1 6  ? -3.650 -4.849  1.773  1.00 2.73  ? 6   PHE B O    1 
ATOM   216 C CB   . PHE B 1 6  ? -4.829 -2.411  2.989  1.00 2.47  ? 6   PHE B CB   1 
ATOM   217 C CG   . PHE B 1 6  ? -4.782 -1.289  4.010  1.00 2.47  ? 6   PHE B CG   1 
ATOM   218 C CD1  . PHE B 1 6  ? -5.773 -1.180  4.990  1.00 2.89  ? 6   PHE B CD1  1 
ATOM   219 C CD2  . PHE B 1 6  ? -3.739 -0.350  4.001  1.00 3.16  ? 6   PHE B CD2  1 
ATOM   220 C CE1  . PHE B 1 6  ? -5.736 -0.174  5.945  1.00 3.41  ? 6   PHE B CE1  1 
ATOM   221 C CE2  . PHE B 1 6  ? -3.737 0.669   4.950  1.00 3.61  ? 6   PHE B CE2  1 
ATOM   222 C CZ   . PHE B 1 6  ? -4.700 0.756   5.927  1.00 3.67  ? 6   PHE B CZ   1 
ATOM   223 H H    . PHE B 1 6  ? -2.745 -3.749  4.115  1.00 3.82  ? 6   PHE B H    1 
ATOM   224 H HA   . PHE B 1 6  ? -5.465 -3.996  4.277  1.00 4.17  ? 6   PHE B HA   1 
ATOM   225 H HB2  . PHE B 1 6  ? -4.104 -2.283  2.249  1.00 2.82  ? 6   PHE B HB2  1 
ATOM   226 H HB3  . PHE B 1 6  ? -5.775 -2.480  2.444  1.00 0.91  ? 6   PHE B HB3  1 
ATOM   227 H HD1  . PHE B 1 6  ? -6.371 -1.800  4.911  1.00 5.36  ? 6   PHE B HD1  1 
ATOM   228 H HD2  . PHE B 1 6  ? -3.115 -0.390  3.299  1.00 6.05  ? 6   PHE B HD2  1 
ATOM   229 H HE1  . PHE B 1 6  ? -6.474 -0.244  6.576  1.00 5.19  ? 6   PHE B HE1  1 
ATOM   230 H HE2  . PHE B 1 6  ? -3.118 1.249   4.852  1.00 6.61  ? 6   PHE B HE2  1 
ATOM   231 H HZ   . PHE B 1 6  ? -4.746 1.457   6.583  1.00 4.38  ? 6   PHE B HZ   1 
ATOM   232 N N    . PRO B 1 7  ? -5.418 -5.917  2.644  1.00 2.09  ? 7   PRO B N    1 
ATOM   233 C CA   . PRO B 1 7  ? -5.275 -7.001  1.673  1.00 2.18  ? 7   PRO B CA   1 
ATOM   234 C C    . PRO B 1 7  ? -5.273 -6.446  0.233  1.00 2.21  ? 7   PRO B C    1 
ATOM   235 O O    . PRO B 1 7  ? -6.006 -5.526  -0.107 1.00 2.63  ? 7   PRO B O    1 
ATOM   236 C CB   . PRO B 1 7  ? -6.466 -7.917  1.968  1.00 3.15  ? 7   PRO B CB   1 
ATOM   237 C CG   . PRO B 1 7  ? -6.981 -7.492  3.240  1.00 10.84 ? 7   PRO B CG   1 
ATOM   238 C CD   . PRO B 1 7  ? -6.473 -6.202  3.634  1.00 2.61  ? 7   PRO B CD   1 
ATOM   239 H HA   . PRO B 1 7  ? -4.552 -7.482  1.855  1.00 1.55  ? 7   PRO B HA   1 
ATOM   240 H HB2  . PRO B 1 7  ? -6.967 -7.735  1.570  1.00 4.86  ? 7   PRO B HB2  1 
ATOM   241 H HB3  . PRO B 1 7  ? -6.327 -8.785  1.695  1.00 3.00  ? 7   PRO B HB3  1 
ATOM   242 H HG2  . PRO B 1 7  ? -7.715 -7.943  3.732  1.00 6.14  ? 7   PRO B HG2  1 
ATOM   243 H HD2  . PRO B 1 7  ? -7.101 -5.470  3.744  1.00 8.74  ? 7   PRO B HD2  1 
ATOM   244 H HD3  . PRO B 1 7  ? -6.220 -6.496  4.666  1.00 2.97  ? 7   PRO B HD3  1 
ATOM   245 N N    . GLN B 1 8  ? -4.423 -7.081  -0.590 1.00 2.26  ? 8   GLN B N    1 
ATOM   246 C CA   . GLN B 1 8  ? -4.107 -6.592  -1.912 1.00 2.13  ? 8   GLN B CA   1 
ATOM   247 C C    . GLN B 1 8  ? -3.344 -7.690  -2.648 1.00 2.20  ? 8   GLN B C    1 
ATOM   248 O O    . GLN B 1 8  ? -2.748 -8.579  -2.020 1.00 2.41  ? 8   GLN B O    1 
ATOM   249 C CB   . GLN B 1 8  ? -3.243 -5.316  -1.845 1.00 2.40  ? 8   GLN B CB   1 
ATOM   250 C CG   . GLN B 1 8  ? -1.916 -5.581  -1.129 1.00 2.54  ? 8   GLN B CG   1 
ATOM   251 C CD   . GLN B 1 8  ? -1.162 -4.301  -0.851 1.00 2.88  ? 8   GLN B CD   1 
ATOM   252 O OE1  . GLN B 1 8  ? -0.490 -3.721  -1.753 1.00 4.69  ? 8   GLN B OE1  1 
ATOM   253 H H    . GLN B 1 8  ? -3.990 -7.634  -0.270 1.00 1.82  ? 8   GLN B H    1 
ATOM   254 H HA   . GLN B 1 8  ? -4.983 -6.350  -2.334 1.00 2.33  ? 8   GLN B HA   1 
ATOM   255 H HB2  . GLN B 1 8  ? -3.117 -5.098  -2.771 1.00 3.94  ? 8   GLN B HB2  1 
ATOM   256 H HB3  . GLN B 1 8  ? -3.741 -4.661  -1.336 1.00 2.89  ? 8   GLN B HB3  1 
ATOM   257 H HG2  . GLN B 1 8  ? -2.087 -6.048  -0.337 1.00 1.21  ? 8   GLN B HG2  1 
ATOM   258 H HG3  . GLN B 1 8  ? -1.282 -6.070  -1.666 1.00 1.92  ? 8   GLN B HG3  1 
ATOM   259 N N    . ALA B 1 9  ? -3.310 -7.592  -3.976 1.00 2.41  ? 9   ALA B N    1 
ATOM   260 C CA   . ALA B 1 9  ? -2.439 -8.485  -4.736 1.00 2.59  ? 9   ALA B CA   1 
ATOM   261 C C    . ALA B 1 9  ? -0.991 -8.302  -4.263 1.00 2.63  ? 9   ALA B C    1 
ATOM   262 O O    . ALA B 1 9  ? -0.517 -7.207  -4.023 1.00 3.22  ? 9   ALA B O    1 
ATOM   263 C CB   . ALA B 1 9  ? -2.546 -8.152  -6.226 1.00 3.47  ? 9   ALA B CB   1 
ATOM   264 H H    . ALA B 1 9  ? -3.566 -6.917  -4.403 1.00 3.24  ? 9   ALA B H    1 
ATOM   265 H HA   . ALA B 1 9  ? -2.694 -9.524  -4.677 1.00 2.34  ? 9   ALA B HA   1 
ATOM   266 H HB1  . ALA B 1 9  ? -1.976 -8.764  -6.825 1.00 4.80  ? 9   ALA B HB1  1 
ATOM   267 H HB2  . ALA B 1 9  ? -2.188 -7.284  -6.413 1.00 4.19  ? 9   ALA B HB2  1 
ATOM   268 H HB3  . ALA B 1 9  ? -3.456 -8.278  -6.594 1.00 3.99  ? 9   ALA B HB3  1 
ATOM   269 N N    . GLY B 1 10 ? -0.268 -9.432  -4.165 1.00 2.86  ? 10  GLY B N    1 
ATOM   270 C CA   . GLY B 1 10 ? 1.112  -9.372  -3.763 1.00 3.16  ? 10  GLY B CA   1 
ATOM   271 C C    . GLY B 1 10 ? 1.360  -9.313  -2.262 1.00 3.22  ? 10  GLY B C    1 
ATOM   272 O O    . GLY B 1 10 ? 2.509  -9.205  -1.842 1.00 4.87  ? 10  GLY B O    1 
ATOM   273 H H    . GLY B 1 10 ? -0.657 -10.358 -4.507 1.00 6.85  ? 10  GLY B H    1 
ATOM   274 H HA2  . GLY B 1 10 ? 1.492  -10.053 -4.149 1.00 0.99  ? 10  GLY B HA2  1 
ATOM   275 H HA3  . GLY B 1 10 ? 1.559  -8.597  -4.131 1.00 4.11  ? 10  GLY B HA3  1 
HETATM 276 S S    . DMS C 2 .  ? 2.282  -5.626  -0.221 0.83 4.81  ? 101 DMS B S    1 
HETATM 277 O O    . DMS C 2 .  ? 2.514  -4.378  0.454  0.83 4.56  ? 101 DMS B O    1 
HETATM 278 C C1   . DMS C 2 .  ? 3.483  -6.805  0.147  0.83 6.70  ? 101 DMS B C1   1 
HETATM 279 C C2   . DMS C 2 .  ? 2.563  -5.319  -1.946 0.83 6.94  ? 101 DMS B C2   1 
HETATM 280 H H12  . DMS C 2 .  ? 3.467  -7.562  -0.457 0.83 7.92  ? 101 DMS B H12  1 
HETATM 281 H H22  . DMS C 2 .  ? 3.854  -4.977  -1.652 0.83 7.99  ? 101 DMS B H22  1 
HETATM 282 H H23  . DMS C 2 .  ? 2.330  -6.370  -2.271 0.83 5.16  ? 101 DMS B H23  1 
HETATM 283 O O    . HOH D 3 .  ? 4.799  1.060   -0.891 1.00 6.58  ? 101 HOH A O    1 
HETATM 284 H H1   . HOH D 3 .  ? 4.652  1.604   -1.908 1.00 8.10  ? 101 HOH A H1   1 
HETATM 285 H H2   . HOH D 3 .  ? 3.969  1.022   -0.243 1.00 6.79  ? 101 HOH A H2   1 
HETATM 286 O O    . HOH D 3 .  ? 1.615  -0.350  0.020  1.00 2.92  ? 102 HOH A O    1 
HETATM 287 H H1   . HOH D 3 .  ? 2.172  -0.700  -0.139 1.00 3.78  ? 102 HOH A H1   1 
HETATM 288 H H2   . HOH D 3 .  ? 1.881  0.446   0.043  1.00 5.17  ? 102 HOH A H2   1 
HETATM 289 O O    . HOH D 3 .  ? -3.835 11.808  -1.028 1.00 3.52  ? 103 HOH A O    1 
HETATM 290 H H1   . HOH D 3 .  ? -3.911 11.679  -1.788 1.00 6.57  ? 103 HOH A H1   1 
HETATM 291 H H2   . HOH D 3 .  ? -3.383 12.432  -0.861 1.00 8.32  ? 103 HOH A H2   1 
HETATM 292 O O    . HOH D 3 .  ? 0.628  2.870   -5.318 0.91 6.70  ? 104 HOH A O    1 
HETATM 293 H H1   . HOH D 3 .  ? 1.111  2.874   -6.186 0.91 4.35  ? 104 HOH A H1   1 
HETATM 294 H H2   . HOH D 3 .  ? 1.271  3.575   -4.888 0.91 5.95  ? 104 HOH A H2   1 
HETATM 295 O O    . HOH D 3 .  ? 6.796  7.685   -2.172 1.00 5.56  ? 105 HOH A O    1 
HETATM 296 H H1   . HOH D 3 .  ? 6.178  8.148   -2.078 1.00 4.69  ? 105 HOH A H1   1 
HETATM 297 H H2   . HOH D 3 .  ? 7.004  7.971   -2.935 1.00 6.25  ? 105 HOH A H2   1 
HETATM 298 O O    . HOH D 3 .  ? 6.000  1.337   2.508  0.99 4.13  ? 106 HOH A O    1 
HETATM 299 H H1   . HOH D 3 .  ? 5.730  1.286   3.171  0.99 7.84  ? 106 HOH A H1   1 
HETATM 300 H H2   . HOH D 3 .  ? 6.310  1.943   1.902  0.99 6.80  ? 106 HOH A H2   1 
HETATM 301 O O    . HOH D 3 .  ? 2.490  10.128  -2.981 1.00 5.64  ? 107 HOH A O    1 
HETATM 302 H H1   . HOH D 3 .  ? 1.664  9.834   -2.909 1.00 6.35  ? 107 HOH A H1   1 
HETATM 303 H H2   . HOH D 3 .  ? 2.722  9.781   -2.428 1.00 8.84  ? 107 HOH A H2   1 
HETATM 304 O O    . HOH D 3 .  ? -3.550 6.985   -8.171 0.77 3.93  ? 108 HOH A O    1 
HETATM 305 H H1   . HOH D 3 .  ? -4.250 7.360   -7.952 0.77 8.47  ? 108 HOH A H1   1 
HETATM 306 O O    . HOH D 3 .  ? -2.044 0.092   -3.194 1.00 2.83  ? 109 HOH A O    1 
HETATM 307 H H1   . HOH D 3 .  ? -2.143 0.513   -3.417 1.00 4.61  ? 109 HOH A H1   1 
HETATM 308 H H2   . HOH D 3 .  ? -2.655 -0.393  -2.978 1.00 7.32  ? 109 HOH A H2   1 
HETATM 309 O O    . HOH D 3 .  ? 4.432  0.654   -3.470 0.78 4.45  ? 110 HOH A O    1 
HETATM 310 H H1   . HOH D 3 .  ? 4.027  1.012   -4.523 0.78 8.44  ? 110 HOH A H1   1 
HETATM 311 H H2   . HOH D 3 .  ? 5.186  -0.041  -3.414 0.78 6.24  ? 110 HOH A H2   1 
HETATM 312 O O    . HOH D 3 .  ? 4.526  9.075   -1.313 1.00 4.62  ? 111 HOH A O    1 
HETATM 313 H H1   . HOH D 3 .  ? 4.784  8.776   -0.982 1.00 6.99  ? 111 HOH A H1   1 
HETATM 314 H H2   . HOH D 3 .  ? 3.961  9.570   -1.992 1.00 6.60  ? 111 HOH A H2   1 
HETATM 315 O O    . HOH D 3 .  ? 1.713  1.235   -3.448 0.70 5.03  ? 112 HOH A O    1 
HETATM 316 H H1   . HOH D 3 .  ? 2.904  1.611   -3.715 0.70 3.50  ? 112 HOH A H1   1 
HETATM 317 H H2   . HOH D 3 .  ? 2.580  0.982   -3.699 0.70 7.12  ? 112 HOH A H2   1 
HETATM 318 O O    . HOH E 3 .  ? 3.744  -2.050  -0.274 1.00 4.54  ? 201 HOH B O    1 
HETATM 319 H H1   . HOH E 3 .  ? 3.183  -1.536  0.190  1.00 8.68  ? 201 HOH B H1   1 
HETATM 320 H H2   . HOH E 3 .  ? 3.950  -2.302  -1.533 1.00 6.89  ? 201 HOH B H2   1 
HETATM 321 O O    . HOH E 3 .  ? -4.868 -6.694  7.929  1.00 6.17  ? 202 HOH B O    1 
HETATM 322 O O    . HOH E 3 .  ? -4.305 -8.749  4.607  0.65 3.99  ? 203 HOH B O    1 
HETATM 323 H H1   . HOH E 3 .  ? -4.074 -9.192  3.402  0.65 6.32  ? 203 HOH B H1   1 
HETATM 324 H H2   . HOH E 3 .  ? -4.410 -7.698  4.715  0.65 6.38  ? 203 HOH B H2   1 
HETATM 325 O O    . HOH E 3 .  ? -0.773 -4.481  -4.470 1.00 5.41  ? 204 HOH B O    1 
HETATM 326 H H2   . HOH E 3 .  ? -1.249 -4.710  -5.242 1.00 0.98  ? 204 HOH B H2   1 
HETATM 327 O O    . HOH E 3 .  ? -5.867 -3.038  -1.437 1.00 3.78  ? 205 HOH B O    1 
HETATM 328 H H1   . HOH E 3 .  ? -5.710 -3.768  -0.944 1.00 7.45  ? 205 HOH B H1   1 
HETATM 329 H H2   . HOH E 3 .  ? -6.774 -3.117  -2.144 1.00 7.07  ? 205 HOH B H2   1 
HETATM 330 O O    . HOH E 3 .  ? 4.879  -8.536  -3.267 1.00 5.81  ? 206 HOH B O    1 
HETATM 331 H H1   . HOH E 3 .  ? 5.065  -8.280  -2.550 1.00 8.14  ? 206 HOH B H1   1 
HETATM 332 H H2   . HOH E 3 .  ? 4.649  -9.366  -3.099 1.00 5.04  ? 206 HOH B H2   1 
HETATM 333 O O    . HOH E 3 .  ? 0.362  -1.017  -2.369 0.98 4.22  ? 207 HOH B O    1 
HETATM 334 H H1   . HOH E 3 .  ? 0.560  -0.298  -2.748 0.98 0.43  ? 207 HOH B H1   1 
HETATM 335 H H2   . HOH E 3 .  ? 0.854  -0.722  -1.674 0.98 8.08  ? 207 HOH B H2   1 
HETATM 336 O O    . HOH E 3 .  ? 4.395  -0.956  2.314  1.00 3.45  ? 208 HOH B O    1 
HETATM 337 H H1   . HOH E 3 .  ? 4.687  -0.057  2.202  1.00 5.44  ? 208 HOH B H1   1 
HETATM 338 H H2   . HOH E 3 .  ? 4.260  -1.113  1.374  1.00 7.21  ? 208 HOH B H2   1 
HETATM 339 O O    . HOH E 3 .  ? -4.027 -1.724  -3.105 1.00 4.31  ? 209 HOH B O    1 
HETATM 340 H H1   . HOH E 3 .  ? -3.824 -2.226  -3.663 1.00 3.44  ? 209 HOH B H1   1 
HETATM 341 H H2   . HOH E 3 .  ? -3.564 -2.210  -2.630 1.00 4.57  ? 209 HOH B H2   1 
# 
loop_
_atom_site_anisotrop.id 
_atom_site_anisotrop.type_symbol 
_atom_site_anisotrop.pdbx_label_atom_id 
_atom_site_anisotrop.pdbx_label_alt_id 
_atom_site_anisotrop.pdbx_label_comp_id 
_atom_site_anisotrop.pdbx_label_asym_id 
_atom_site_anisotrop.pdbx_label_seq_id 
_atom_site_anisotrop.pdbx_PDB_ins_code 
_atom_site_anisotrop.U[1][1] 
_atom_site_anisotrop.U[2][2] 
_atom_site_anisotrop.U[3][3] 
_atom_site_anisotrop.U[1][2] 
_atom_site_anisotrop.U[1][3] 
_atom_site_anisotrop.U[2][3] 
_atom_site_anisotrop.pdbx_auth_seq_id 
_atom_site_anisotrop.pdbx_auth_comp_id 
_atom_site_anisotrop.pdbx_auth_asym_id 
_atom_site_anisotrop.pdbx_auth_atom_id 
1   N N   . ALA A 1  ? 0.0345 0.0157 0.0435 0.0010  -0.0153 -0.0016 1   ALA A N   
2   C CA  . ALA A 1  ? 0.0351 0.0196 0.0499 0.0048  -0.0195 -0.0043 1   ALA A CA  
3   C C   . ALA A 1  ? 0.0322 0.0222 0.0428 0.0041  -0.0114 -0.0023 1   ALA A C   
4   O O   . ALA A 1  ? 0.0355 0.0196 0.0500 0.0028  -0.0185 -0.0050 1   ALA A O   
5   C CB  . ALA A 1  ? 0.0383 0.0294 0.0596 0.0012  -0.0119 0.0102  1   ALA A CB  
11  N N   . PHE A 2  ? 0.0373 0.0175 0.0522 0.0041  -0.0150 -0.0077 2   PHE A N   
12  C CA  . PHE A 2  ? 0.0370 0.0235 0.0477 0.0036  -0.0182 -0.0095 2   PHE A CA  
13  C C   . PHE A 2  ? 0.0338 0.0390 0.0370 -0.0013 -0.0113 -0.0086 2   PHE A C   
14  O O   . PHE A 2  ? 0.0374 0.0307 0.0477 0.0069  -0.0150 -0.0023 2   PHE A O   
15  C CB  . PHE A 2  ? 0.0369 0.0242 0.0433 0.0028  -0.0133 -0.0061 2   PHE A CB  
16  C CG  . PHE A 2  ? 0.0306 0.0250 0.0478 0.0035  -0.0155 -0.0071 2   PHE A CG  
17  C CD1 . PHE A 2  ? 0.0341 0.0307 0.0482 -0.0004 -0.0086 -0.0093 2   PHE A CD1 
18  C CD2 . PHE A 2  ? 0.0498 0.0328 0.0451 -0.0022 -0.0089 -0.0076 2   PHE A CD2 
19  C CE1 . PHE A 2  ? 0.0390 0.0222 0.0633 0.0007  -0.0080 -0.0075 2   PHE A CE1 
20  C CE2 . PHE A 2  ? 0.0581 0.0474 0.0492 -0.0034 -0.0098 -0.0034 2   PHE A CE2 
21  C CZ  . PHE A 2  ? 0.0412 0.0342 0.0564 0.0022  -0.0134 0.0048  2   PHE A CZ  
31  N N   . GLY A 3  ? 0.0440 0.0356 0.0504 0.0056  -0.0086 -0.0116 3   GLY A N   
32  C CA  . GLY A 3  ? 0.0575 0.0524 0.0388 -0.0016 -0.0060 -0.0097 3   GLY A CA  
33  C C   . GLY A 3  ? 0.0459 0.0512 0.0382 0.0095  -0.0020 -0.0005 3   GLY A C   
34  O O   . GLY A 3  ? 0.0689 0.0529 0.0533 0.0003  -0.0156 0.0082  3   GLY A O   
38  N N   . DLY A 4  ? 0.0350 0.0330 0.0430 0.0074  -0.0048 -0.0035 4   DLY A N   
39  C CA  . DLY A 4  ? 0.0275 0.0278 0.0476 0.0035  -0.0034 -0.0016 4   DLY A CA  
40  C C   . DLY A 4  ? 0.0267 0.0283 0.0497 0.0066  -0.0071 -0.0002 4   DLY A C   
41  O O   . DLY A 4  ? 0.0304 0.0285 0.0624 0.0066  -0.0002 -0.0077 4   DLY A O   
42  C CB  . DLY A 4  ? 0.0308 0.0315 0.0427 0.0086  -0.0045 -0.0083 4   DLY A CB  
43  C CG  . DLY A 4  ? 0.0351 0.0327 0.0345 0.0082  -0.0001 0.0016  4   DLY A CG  
44  C CD  . DLY A 4  ? 0.0357 0.0336 0.0300 0.0129  -0.0038 -0.0020 4   DLY A CD  
45  C CE  . DLY A 4  ? 0.0372 0.0428 0.0346 0.0176  -0.0063 -0.0011 4   DLY A CE  
46  N NZ  . DLY A 4  ? 0.0348 0.0303 0.0327 0.0111  -0.0069 -0.0030 4   DLY A NZ  
58  N N   . VAL A 5  ? 0.0299 0.0243 0.0439 0.0082  -0.0037 -0.0044 5   VAL A N   
59  C CA  . VAL A 5  ? 0.0269 0.0232 0.0427 0.0058  -0.0017 -0.0027 5   VAL A CA  
60  C C   . VAL A 5  ? 0.0243 0.0197 0.0425 0.0039  -0.0047 -0.0033 5   VAL A C   
61  O O   . VAL A 5  ? 0.0420 0.0251 0.0478 0.0109  -0.0026 -0.0048 5   VAL A O   
62  C CB  . VAL A 5  ? 0.0249 0.0322 0.0538 -0.0001 -0.0024 -0.0055 5   VAL A CB  
63  C CG1 . VAL A 5  ? 0.0295 0.0465 0.0705 -0.0029 0.0013  -0.0134 5   VAL A CG1 
64  C CG2 . VAL A 5  ? 0.0416 0.0340 0.0662 0.0086  -0.0149 -0.0106 5   VAL A CG2 
74  N N   . PHE A 6  ? 0.0335 0.0220 0.0374 0.0048  -0.0016 -0.0060 6   PHE A N   
75  C CA  . PHE A 6  ? 0.0282 0.0237 0.0396 0.0068  -0.0061 -0.0038 6   PHE A CA  
76  C C   . PHE A 6  ? 0.0300 0.0223 0.0375 0.0048  -0.0076 -0.0059 6   PHE A C   
77  O O   . PHE A 6  ? 0.0308 0.0286 0.0513 0.0066  -0.0041 -0.0168 6   PHE A O   
78  C CB  . PHE A 6  ? 0.0369 0.0248 0.0444 0.0068  -0.0065 0.0007  6   PHE A CB  
79  C CG  . PHE A 6  ? 0.0403 0.0235 0.0379 -0.0017 -0.0011 -0.0056 6   PHE A CG  
80  C CD1 . PHE A 6  ? 0.0401 0.0299 0.0470 0.0029  0.0003  -0.0005 6   PHE A CD1 
81  C CD2 . PHE A 6  ? 0.0492 0.0280 0.0425 0.0056  -0.0082 -0.0011 6   PHE A CD2 
82  C CE1 . PHE A 6  ? 0.0393 0.0422 0.0589 0.0002  -0.0019 -0.0039 6   PHE A CE1 
83  C CE2 . PHE A 6  ? 0.0581 0.0303 0.0468 -0.0099 -0.0003 -0.0059 6   PHE A CE2 
84  C CZ  . PHE A 6  ? 0.0448 0.0428 0.0567 -0.0117 0.0075  -0.0131 6   PHE A CZ  
94  N N   . PRO A 7  ? 0.0259 0.0239 0.0385 0.0089  -0.0045 -0.0067 7   PRO A N   
95  C CA  . PRO A 7  ? 0.0269 0.0265 0.0383 0.0030  -0.0074 -0.0044 7   PRO A CA  
96  C C   . PRO A 7  ? 0.0276 0.0251 0.0376 0.0062  -0.0085 -0.0091 7   PRO A C   
97  O O   . PRO A 7  ? 0.0435 0.0378 0.0357 0.0166  -0.0006 -0.0008 7   PRO A O   
98  C CB  . PRO A 7  ? 0.0324 0.0245 0.0552 0.0039  -0.0120 -0.0088 7   PRO A CB  
99  C CG  . PRO A 7  ? 0.0414 0.0289 0.0414 0.0074  -0.0085 -0.0109 7   PRO A CG  
100 C CD  . PRO A 7  ? 0.0343 0.0234 0.0350 0.0071  -0.0006 -0.0071 7   PRO A CD  
108 N N   . GLN A 8  ? 0.0274 0.0243 0.0361 0.0046  -0.0056 -0.0058 8   GLN A N   
109 C CA  . GLN A 8  ? 0.0288 0.0266 0.0281 0.0064  -0.0096 -0.0088 8   GLN A CA  
110 C C   . GLN A 8  ? 0.0281 0.0240 0.0354 0.0037  -0.0078 -0.0079 8   GLN A C   
111 O O   . GLN A 8  ? 0.0342 0.0326 0.0367 0.0069  -0.0070 -0.0026 8   GLN A O   
112 C CB  . GLN A 8  ? 0.0345 0.0221 0.0331 0.0012  -0.0107 -0.0031 8   GLN A CB  
113 C CG  . GLN A 8  ? 0.0302 0.0284 0.0313 0.0007  -0.0105 -0.0056 8   GLN A CG  
114 C CD  . GLN A 8  ? 0.0371 0.0227 0.0361 0.0051  -0.0080 -0.0033 8   GLN A CD  
115 O OE1 . GLN A 8  ? 0.0345 0.0229 0.0526 0.0048  -0.0114 -0.0029 8   GLN A OE1 
122 N N   . ALA A 9  ? 0.0275 0.0344 0.0339 0.0078  -0.0062 -0.0049 9   ALA A N   
123 C CA  . ALA A 9  ? 0.0284 0.0321 0.0321 0.0058  -0.0052 -0.0069 9   ALA A CA  
124 C C   . ALA A 9  ? 0.0312 0.0238 0.0341 0.0087  -0.0049 -0.0026 9   ALA A C   
125 O O   . ALA A 9  ? 0.0443 0.0313 0.0395 -0.0026 -0.0020 -0.0029 9   ALA A O   
126 C CB  . ALA A 9  ? 0.0306 0.0479 0.0369 0.0124  -0.0052 -0.0064 9   ALA A CB  
132 N N   . GLY A 10 ? 0.0322 0.0212 0.0374 0.0045  -0.0056 -0.0052 10  GLY A N   
133 C CA  . GLY A 10 ? 0.0377 0.0297 0.0333 0.0127  -0.0056 -0.0042 10  GLY A CA  
134 C C   . GLY A 10 ? 0.0315 0.0283 0.0367 0.0070  -0.0071 -0.0066 10  GLY A C   
135 O O   . GLY A 10 ? 0.0492 0.0388 0.0426 0.0138  -0.0171 -0.0119 10  GLY A O   
139 N N   . ALA B 1  ? 0.0359 0.0190 0.0335 -0.0056 -0.0035 -0.0009 1   ALA B N   
140 C CA  . ALA B 1  ? 0.0341 0.0223 0.0375 -0.0024 -0.0090 -0.0063 1   ALA B CA  
141 C C   . ALA B 1  ? 0.0303 0.0231 0.0366 0.0013  -0.0057 -0.0064 1   ALA B C   
142 O O   . ALA B 1  ? 0.0325 0.0272 0.0367 -0.0025 -0.0043 0.0000  1   ALA B O   
143 C CB  . ALA B 1  ? 0.0444 0.0229 0.0547 0.0050  -0.0094 0.0022  1   ALA B CB  
149 N N   . PHE B 2  ? 0.0378 0.0364 0.0343 -0.0099 -0.0076 0.0022  2   PHE B N   
150 C CA  . PHE B 2  ? 0.0393 0.0456 0.0388 -0.0205 -0.0115 0.0008  2   PHE B CA  
151 C C   . PHE B 2  ? 0.0431 0.0450 0.0371 -0.0150 -0.0163 0.0015  2   PHE B C   
152 O O   . PHE B 2  ? 0.0782 0.0385 0.0487 -0.0137 -0.0228 -0.0017 2   PHE B O   
153 C CB  . PHE B 2  ? 0.0560 0.0417 0.0397 -0.0184 -0.0024 -0.0027 2   PHE B CB  
154 C CG  . PHE B 2  ? 0.0448 0.0471 0.0361 -0.0080 -0.0121 -0.0007 2   PHE B CG  
155 C CD1 . PHE B 2  ? 0.0640 0.0502 0.0505 -0.0164 -0.0036 -0.0066 2   PHE B CD1 
156 C CD2 . PHE B 2  ? 0.0454 0.0587 0.0619 0.0018  -0.0123 0.0093  2   PHE B CD2 
157 C CE1 . PHE B 2  ? 0.0777 0.0451 0.0564 -0.0153 -0.0117 0.0035  2   PHE B CE1 
158 C CE2 . PHE B 2  ? 0.0589 0.0590 0.0739 0.0211  -0.0110 0.0096  2   PHE B CE2 
159 C CZ  . PHE B 2  ? 0.0602 0.0464 0.0633 0.0046  -0.0248 0.0065  2   PHE B CZ  
169 N N   . GLY B 3  ? 0.0301 0.0616 0.0506 -0.0042 -0.0047 0.0051  3   GLY B N   
170 C CA  . GLY B 3  ? 0.0227 0.0651 0.0661 0.0071  -0.0025 0.0068  3   GLY B CA  
171 C C   . GLY B 3  ? 0.0327 0.0414 0.0411 0.0109  -0.0143 -0.0159 3   GLY B C   
172 O O   . GLY B 3  ? 0.0497 0.0411 0.0606 0.0198  -0.0272 -0.0164 3   GLY B O   
176 N N   . DLY B 4  ? 0.0245 0.0228 0.0387 0.0103  -0.0097 -0.0038 4   DLY B N   
177 C CA  . DLY B 4  ? 0.0301 0.0211 0.0309 0.0059  -0.0090 -0.0056 4   DLY B CA  
178 C C   . DLY B 4  ? 0.0284 0.0226 0.0306 0.0032  -0.0045 -0.0037 4   DLY B C   
179 O O   . DLY B 4  ? 0.0405 0.0265 0.0486 0.0008  0.0032  -0.0067 4   DLY B O   
180 C CB  . DLY B 4  ? 0.0297 0.0245 0.0345 0.0043  -0.0103 -0.0036 4   DLY B CB  
181 C CG  . DLY B 4  ? 0.0323 0.0258 0.0323 0.0090  -0.0126 -0.0062 4   DLY B CG  
182 C CD  . DLY B 4  ? 0.0319 0.0278 0.0285 0.0048  -0.0082 -0.0046 4   DLY B CD  
183 C CE  . DLY B 4  ? 0.0387 0.0276 0.0309 0.0114  -0.0093 -0.0050 4   DLY B CE  
184 N NZ  . DLY B 4  ? 0.0333 0.0347 0.0314 0.0036  -0.0028 -0.0055 4   DLY B NZ  
196 N N   . VAL B 5  ? 0.0281 0.0182 0.0309 0.0051  -0.0054 -0.0038 5   VAL B N   
197 C CA  . VAL B 5  ? 0.0302 0.0253 0.0272 0.0072  -0.0018 -0.0046 5   VAL B CA  
198 C C   . VAL B 5  ? 0.0295 0.0183 0.0315 0.0039  -0.0039 -0.0048 5   VAL B C   
199 O O   . VAL B 5  ? 0.0300 0.0336 0.0339 0.0063  -0.0011 -0.0007 5   VAL B O   
200 C CB  . VAL B 5  ? 0.0353 0.0253 0.0346 0.0070  -0.0108 -0.0112 5   VAL B CB  
201 C CG1 . VAL B 5  ? 0.0398 0.0332 0.0400 0.0104  -0.0099 -0.0134 5   VAL B CG1 
202 C CG2 . VAL B 5  ? 0.0328 0.0380 0.0482 0.0075  -0.0165 -0.0177 5   VAL B CG2 
212 N N   . PHE B 6  ? 0.0271 0.0223 0.0300 0.0033  -0.0065 -0.0022 6   PHE B N   
213 C CA  . PHE B 6  ? 0.0280 0.0215 0.0308 0.0031  -0.0087 -0.0055 6   PHE B CA  
214 C C   . PHE B 6  ? 0.0232 0.0257 0.0289 0.0033  -0.0082 -0.0049 6   PHE B C   
215 O O   . PHE B 6  ? 0.0311 0.0355 0.0370 -0.0053 -0.0007 -0.0148 6   PHE B O   
216 C CB  . PHE B 6  ? 0.0413 0.0226 0.0302 0.0035  -0.0116 -0.0035 6   PHE B CB  
217 C CG  . PHE B 6  ? 0.0331 0.0216 0.0392 0.0085  -0.0109 -0.0007 6   PHE B CG  
218 C CD1 . PHE B 6  ? 0.0369 0.0264 0.0465 0.0071  -0.0090 -0.0042 6   PHE B CD1 
219 C CD2 . PHE B 6  ? 0.0431 0.0314 0.0454 0.0001  -0.0063 -0.0046 6   PHE B CD2 
220 C CE1 . PHE B 6  ? 0.0509 0.0346 0.0439 0.0172  -0.0048 -0.0035 6   PHE B CE1 
221 C CE2 . PHE B 6  ? 0.0539 0.0268 0.0563 -0.0050 -0.0105 -0.0083 6   PHE B CE2 
222 C CZ  . PHE B 6  ? 0.0622 0.0284 0.0486 0.0133  -0.0115 -0.0113 6   PHE B CZ  
232 N N   . PRO B 7  ? 0.0285 0.0202 0.0305 0.0013  -0.0054 -0.0028 7   PRO B N   
233 C CA  . PRO B 7  ? 0.0295 0.0187 0.0347 0.0012  -0.0067 -0.0062 7   PRO B CA  
234 C C   . PRO B 7  ? 0.0247 0.0267 0.0326 -0.0018 -0.0109 -0.0080 7   PRO B C   
235 O O   . PRO B 7  ? 0.0359 0.0292 0.0348 0.0068  -0.0078 -0.0039 7   PRO B O   
236 C CB  . PRO B 7  ? 0.0455 0.0299 0.0442 -0.0099 -0.0054 -0.0082 7   PRO B CB  
237 C CG  . PRO B 7  ? 0.1683 0.1151 0.1283 -0.0666 0.0775  -0.0509 7   PRO B CG  
238 C CD  . PRO B 7  ? 0.0379 0.0274 0.0339 -0.0007 0.0014  0.0003  7   PRO B CD  
245 N N   . GLN B 8  ? 0.0316 0.0217 0.0325 0.0041  -0.0073 -0.0058 8   GLN B N   
246 C CA  . GLN B 8  ? 0.0280 0.0228 0.0302 0.0017  -0.0042 -0.0048 8   GLN B CA  
247 C C   . GLN B 8  ? 0.0265 0.0242 0.0331 -0.0034 -0.0053 -0.0030 8   GLN B C   
248 O O   . GLN B 8  ? 0.0348 0.0238 0.0330 0.0014  -0.0061 -0.0038 8   GLN B O   
249 C CB  . GLN B 8  ? 0.0325 0.0256 0.0331 0.0015  -0.0057 -0.0027 8   GLN B CB  
250 C CG  . GLN B 8  ? 0.0324 0.0244 0.0396 0.0002  -0.0098 -0.0035 8   GLN B CG  
251 C CD  . GLN B 8  ? 0.0291 0.0373 0.0428 -0.0059 -0.0027 -0.0128 8   GLN B CD  
252 O OE1 . GLN B 8  ? 0.0725 0.0521 0.0534 -0.0259 0.0094  -0.0149 8   GLN B OE1 
259 N N   . ALA B 9  ? 0.0315 0.0308 0.0292 0.0045  -0.0082 -0.0047 9   ALA B N   
260 C CA  . ALA B 9  ? 0.0344 0.0328 0.0310 0.0081  -0.0105 -0.0091 9   ALA B CA  
261 C C   . ALA B 9  ? 0.0373 0.0323 0.0303 0.0071  -0.0022 -0.0046 9   ALA B C   
262 O O   . ALA B 9  ? 0.0418 0.0364 0.0441 -0.0033 -0.0028 -0.0041 9   ALA B O   
263 C CB  . ALA B 9  ? 0.0526 0.0483 0.0308 0.0197  -0.0077 -0.0076 9   ALA B CB  
269 N N   . GLY B 10 ? 0.0359 0.0397 0.0331 0.0048  -0.0056 -0.0060 10  GLY B N   
270 C CA  . GLY B 10 ? 0.0358 0.0513 0.0330 0.0078  -0.0037 -0.0055 10  GLY B CA  
271 C C   . GLY B 10 ? 0.0363 0.0478 0.0382 0.0020  -0.0057 -0.0051 10  GLY B C   
272 O O   . GLY B 10 ? 0.0328 0.1078 0.0446 -0.0017 -0.0094 -0.0077 10  GLY B O   
276 S S   . DMS C .  ? 0.0648 0.0552 0.0627 -0.0111 0.0065  -0.0060 101 DMS B S   
277 O O   . DMS C .  ? 0.0794 0.0415 0.0522 0.0171  0.0145  0.0022  101 DMS B O   
278 C C1  . DMS C .  ? 0.1323 0.0555 0.0668 0.0362  -0.0311 -0.0152 101 DMS B C1  
279 C C2  . DMS C .  ? 0.1425 0.0706 0.0504 0.0318  -0.0073 -0.0081 101 DMS B C2  
283 O O   . HOH D .  ? 0.0485 0.0966 0.1049 0.0076  0.0011  -0.0356 101 HOH A O   
286 O O   . HOH D .  ? 0.0389 0.0259 0.0461 -0.0021 -0.0042 -0.0010 102 HOH A O   
289 O O   . HOH D .  ? 0.0404 0.0333 0.0599 0.0057  -0.0028 0.0022  103 HOH A O   
292 O O   . HOH D .  ? 0.0669 0.0874 0.1003 0.0271  0.0143  0.0226  104 HOH A O   
295 O O   . HOH D .  ? 0.0829 0.0644 0.0638 0.0252  0.0033  0.0224  105 HOH A O   
298 O O   . HOH D .  ? 0.0715 0.0437 0.0417 -0.0151 0.0052  0.0010  106 HOH A O   
301 O O   . HOH D .  ? 0.0503 0.0483 0.1158 0.0097  0.0067  0.0099  107 HOH A O   
304 O O   . HOH D .  ? 0.0510 0.0468 0.0514 0.0031  -0.0122 -0.0009 108 HOH A O   
306 O O   . HOH D .  ? 0.0417 0.0233 0.0426 0.0033  -0.0045 -0.0037 109 HOH A O   
309 O O   . HOH D .  ? 0.0435 0.0468 0.0787 -0.0025 -0.0019 -0.0143 110 HOH A O   
312 O O   . HOH D .  ? 0.0615 0.0474 0.0667 0.0011  0.0025  -0.0035 111 HOH A O   
315 O O   . HOH D .  ? 0.0451 0.0801 0.0658 0.0141  -0.0065 -0.0050 112 HOH A O   
318 O O   . HOH E .  ? 0.0464 0.0477 0.0784 0.0120  -0.0096 -0.0050 201 HOH B O   
321 O O   . HOH E .  ? 0.0654 0.0805 0.0887 0.0123  0.0055  0.0321  202 HOH B O   
322 O O   . HOH E .  ? 0.0559 0.0389 0.0568 0.0052  -0.0162 -0.0140 203 HOH B O   
325 O O   . HOH E .  ? 0.0741 0.0553 0.0763 0.0055  -0.0004 0.0035  204 HOH B O   
327 O O   . HOH E .  ? 0.0437 0.0433 0.0567 0.0089  -0.0073 0.0074  205 HOH B O   
330 O O   . HOH E .  ? 0.0513 0.0969 0.0725 0.0019  -0.0041 0.0097  206 HOH B O   
333 O O   . HOH E .  ? 0.0457 0.0592 0.0553 0.0029  -0.0124 -0.0122 207 HOH B O   
336 O O   . HOH E .  ? 0.0389 0.0364 0.0557 0.0016  -0.0038 0.0006  208 HOH B O   
339 O O   . HOH E .  ? 0.0628 0.0386 0.0624 -0.0070 0.0099  -0.0143 209 HOH B O   
# 
